data_4GDJ
#
_entry.id   4GDJ
#
_cell.length_a   107.902
_cell.length_b   107.902
_cell.length_c   345.210
_cell.angle_alpha   90.00
_cell.angle_beta   90.00
_cell.angle_gamma   90.00
#
_symmetry.space_group_name_H-M   'P 41 21 2'
#
loop_
_entity.id
_entity.type
_entity.pdbx_description
1 polymer Neuraminidase
2 branched beta-L-fucopyranose-(1-3)-[2-acetamido-2-deoxy-beta-D-glucopyranose-(1-4)][alpha-L-fucopyranose-(1-6)]2-acetamido-2-deoxy-beta-D-glucopyranose
3 non-polymer 2-acetamido-2-deoxy-beta-D-glucopyranose
4 non-polymer 'CALCIUM ION'
5 water water
#
_entity_poly.entity_id   1
_entity_poly.type   'polypeptide(L)'
_entity_poly.pdbx_seq_one_letter_code
;GSPSRKFYWKARSQMCEVKGWVPTHRGFPWGPELPGDLILSRRAYVSCDLTSCFKFFIAYGLSANQHLLNTSMEWEESLY
KTPIGSANTLSTSEMILPGRSSSACFDGLKWTVLVSNGRDRNSFIMIKYGEEITDTFSASRGGPLRLPNSECICVEGSCF
VLVSDGPNVNQSVHRIYELQNGTVQRWKQLNTTGINFEYSTCYTINNLIKCTGTNLWNDAKRPLLRFTKDLNYQIVEPCN
GAPTDFPRGGLTTPSCKMAQEKGEGGIQGFILDEKPAWTSKTKTELSQNGFVLEQIPDGIESEGTVSLSYELFSNKRTGR
SGFFQPKGDLISECQRVCFWLEIEDQTVGLGMIQELSTFCGINSPVQNINWDS
;
_entity_poly.pdbx_strand_id   A,B,C,D
#
# COMPACT_ATOMS: atom_id res chain seq x y z
N MET A 15 -0.07 1.46 -18.33
CA MET A 15 -0.52 0.08 -18.20
C MET A 15 -2.02 -0.02 -18.51
N CYS A 16 -2.86 0.21 -17.50
CA CYS A 16 -4.28 -0.12 -17.61
C CYS A 16 -5.20 0.88 -16.91
N GLU A 17 -4.87 2.15 -17.11
CA GLU A 17 -5.63 3.25 -16.57
C GLU A 17 -7.06 3.18 -17.02
N VAL A 18 -7.98 3.51 -16.14
CA VAL A 18 -9.39 3.60 -16.49
C VAL A 18 -9.60 5.01 -17.04
N LYS A 19 -9.96 5.12 -18.31
CA LYS A 19 -9.99 6.44 -18.93
C LYS A 19 -11.41 6.95 -19.15
N GLY A 20 -12.39 6.11 -18.82
CA GLY A 20 -13.78 6.51 -18.83
C GLY A 20 -14.66 5.34 -18.40
N TRP A 21 -15.97 5.56 -18.40
CA TRP A 21 -16.95 4.59 -17.91
C TRP A 21 -18.08 4.63 -18.88
N VAL A 22 -18.67 3.48 -19.22
CA VAL A 22 -19.86 3.48 -20.05
C VAL A 22 -20.95 2.64 -19.44
N PRO A 23 -22.21 3.03 -19.66
CA PRO A 23 -23.30 2.17 -19.16
C PRO A 23 -23.38 0.86 -19.91
N THR A 24 -23.74 -0.19 -19.17
CA THR A 24 -23.79 -1.54 -19.71
C THR A 24 -25.04 -2.29 -19.30
N HIS A 25 -25.82 -1.73 -18.37
CA HIS A 25 -27.16 -2.24 -18.12
C HIS A 25 -28.03 -1.16 -17.49
N ARG A 26 -29.23 -0.96 -18.02
CA ARG A 26 -30.05 0.21 -17.66
C ARG A 26 -31.24 -0.11 -16.73
N ASP A 37 -45.99 -9.78 -9.67
CA ASP A 37 -45.28 -10.67 -8.73
C ASP A 37 -43.91 -10.08 -8.34
N LEU A 38 -43.84 -8.76 -8.25
CA LEU A 38 -42.60 -8.07 -8.00
C LEU A 38 -42.16 -8.15 -6.55
N ILE A 39 -40.90 -8.52 -6.35
CA ILE A 39 -40.31 -8.65 -5.02
C ILE A 39 -39.69 -7.33 -4.60
N LEU A 40 -39.97 -6.92 -3.36
CA LEU A 40 -39.38 -5.69 -2.84
C LEU A 40 -37.97 -6.00 -2.39
N SER A 41 -37.01 -5.18 -2.79
CA SER A 41 -35.60 -5.50 -2.60
C SER A 41 -34.82 -4.38 -2.00
N ARG A 42 -33.85 -4.73 -1.15
CA ARG A 42 -32.88 -3.77 -0.69
C ARG A 42 -31.48 -4.41 -0.63
N ARG A 43 -30.47 -3.57 -0.44
CA ARG A 43 -29.09 -4.02 -0.27
C ARG A 43 -28.65 -4.88 -1.43
N ALA A 44 -29.02 -4.50 -2.63
CA ALA A 44 -28.66 -5.27 -3.81
C ALA A 44 -27.27 -4.92 -4.27
N TYR A 45 -26.63 -5.87 -4.95
CA TYR A 45 -25.34 -5.66 -5.58
C TYR A 45 -25.23 -6.66 -6.73
N VAL A 46 -24.15 -6.58 -7.49
CA VAL A 46 -23.97 -7.43 -8.65
C VAL A 46 -22.76 -8.32 -8.44
N SER A 47 -22.87 -9.57 -8.87
CA SER A 47 -21.69 -10.42 -8.94
C SER A 47 -21.78 -11.36 -10.11
N CYS A 48 -20.63 -11.79 -10.66
CA CYS A 48 -20.67 -12.60 -11.88
C CYS A 48 -19.98 -13.92 -11.79
N ASP A 49 -20.48 -14.89 -12.55
CA ASP A 49 -19.78 -16.15 -12.76
C ASP A 49 -19.06 -16.06 -14.11
N LEU A 50 -18.76 -17.17 -14.78
CA LEU A 50 -17.87 -17.07 -15.94
C LEU A 50 -18.58 -16.54 -17.18
N THR A 51 -19.89 -16.70 -17.25
CA THR A 51 -20.65 -16.28 -18.44
C THR A 51 -21.67 -15.16 -18.22
N SER A 52 -22.18 -15.03 -17.00
CA SER A 52 -23.35 -14.19 -16.72
C SER A 52 -23.21 -13.46 -15.38
N CYS A 53 -23.99 -12.41 -15.18
CA CYS A 53 -23.95 -11.60 -13.97
C CYS A 53 -25.31 -11.64 -13.28
N PHE A 54 -25.29 -11.56 -11.96
CA PHE A 54 -26.53 -11.66 -11.17
C PHE A 54 -26.66 -10.49 -10.20
N LYS A 55 -27.92 -10.16 -9.92
CA LYS A 55 -28.27 -9.28 -8.82
C LYS A 55 -28.54 -10.15 -7.63
N PHE A 56 -27.79 -9.88 -6.55
CA PHE A 56 -28.04 -10.49 -5.25
C PHE A 56 -28.69 -9.41 -4.39
N PHE A 57 -29.74 -9.77 -3.65
CA PHE A 57 -30.46 -8.77 -2.87
C PHE A 57 -31.21 -9.39 -1.71
N ILE A 58 -31.49 -8.57 -0.72
CA ILE A 58 -32.35 -8.91 0.37
C ILE A 58 -33.79 -8.59 0.04
N ALA A 59 -34.62 -9.63 -0.02
CA ALA A 59 -36.04 -9.46 -0.28
C ALA A 59 -36.77 -9.39 1.07
N TYR A 60 -37.61 -8.39 1.23
CA TYR A 60 -38.28 -8.17 2.51
C TYR A 60 -39.79 -8.13 2.38
N GLY A 61 -40.33 -8.44 1.19
CA GLY A 61 -41.77 -8.44 0.97
C GLY A 61 -42.18 -8.46 -0.50
N LEU A 62 -43.49 -8.48 -0.74
CA LEU A 62 -44.04 -8.55 -2.10
C LEU A 62 -44.90 -7.35 -2.39
N SER A 63 -44.81 -6.84 -3.62
CA SER A 63 -45.68 -5.74 -4.05
C SER A 63 -47.12 -6.25 -4.12
N ALA A 64 -47.83 -6.06 -3.01
CA ALA A 64 -49.03 -6.84 -2.70
C ALA A 64 -50.32 -6.15 -3.15
N GLU A 76 -38.69 -14.59 6.83
CA GLU A 76 -38.99 -13.34 6.09
C GLU A 76 -37.79 -12.85 5.25
N GLU A 77 -37.03 -11.86 5.73
CA GLU A 77 -35.92 -11.34 4.95
C GLU A 77 -35.03 -12.51 4.51
N SER A 78 -34.69 -12.52 3.23
CA SER A 78 -33.93 -13.59 2.62
C SER A 78 -33.10 -13.05 1.49
N LEU A 79 -31.92 -13.63 1.34
CA LEU A 79 -31.07 -13.38 0.18
C LEU A 79 -31.69 -14.07 -1.02
N TYR A 80 -31.87 -13.31 -2.09
CA TYR A 80 -32.33 -13.81 -3.38
C TYR A 80 -31.32 -13.43 -4.46
N LYS A 81 -31.44 -14.08 -5.60
CA LYS A 81 -30.56 -13.88 -6.73
C LYS A 81 -31.39 -13.87 -8.04
N THR A 82 -31.04 -12.97 -8.95
CA THR A 82 -31.77 -12.82 -10.20
C THR A 82 -30.81 -12.48 -11.31
N PRO A 83 -31.01 -13.10 -12.48
CA PRO A 83 -30.23 -12.70 -13.68
C PRO A 83 -30.33 -11.21 -13.93
N ILE A 84 -29.20 -10.61 -14.23
CA ILE A 84 -29.08 -9.17 -14.33
C ILE A 84 -30.12 -8.55 -15.30
N GLY A 85 -30.44 -9.26 -16.38
CA GLY A 85 -31.44 -8.72 -17.31
C GLY A 85 -32.90 -8.72 -16.86
N SER A 86 -33.22 -9.35 -15.72
CA SER A 86 -34.61 -9.54 -15.30
C SER A 86 -35.05 -8.64 -14.15
N ALA A 87 -36.36 -8.44 -14.02
CA ALA A 87 -36.90 -7.81 -12.82
C ALA A 87 -36.80 -8.83 -11.69
N ASN A 88 -36.86 -8.39 -10.44
CA ASN A 88 -36.89 -9.32 -9.34
C ASN A 88 -38.33 -9.72 -9.12
N THR A 89 -38.64 -10.99 -9.42
CA THR A 89 -40.00 -11.51 -9.25
C THR A 89 -39.95 -12.98 -8.84
N LEU A 90 -41.06 -13.48 -8.30
CA LEU A 90 -41.07 -14.86 -7.84
C LEU A 90 -40.73 -15.81 -8.97
N SER A 91 -41.04 -15.38 -10.18
CA SER A 91 -40.82 -16.19 -11.37
C SER A 91 -39.39 -16.11 -11.87
N THR A 92 -38.71 -15.00 -11.58
CA THR A 92 -37.36 -14.80 -12.09
C THR A 92 -36.25 -14.88 -11.03
N SER A 93 -36.62 -14.91 -9.76
CA SER A 93 -35.65 -14.77 -8.69
C SER A 93 -35.55 -16.03 -7.89
N GLU A 94 -34.36 -16.33 -7.40
CA GLU A 94 -34.10 -17.60 -6.71
C GLU A 94 -33.75 -17.35 -5.25
N MET A 95 -34.50 -17.96 -4.33
CA MET A 95 -34.19 -17.80 -2.93
C MET A 95 -32.95 -18.59 -2.58
N ILE A 96 -32.13 -18.03 -1.70
CA ILE A 96 -30.89 -18.69 -1.34
C ILE A 96 -30.96 -19.06 0.15
N LEU A 97 -30.99 -18.06 1.03
CA LEU A 97 -31.00 -18.30 2.48
C LEU A 97 -31.64 -17.11 3.19
N PRO A 98 -32.19 -17.34 4.39
CA PRO A 98 -32.72 -16.24 5.19
C PRO A 98 -31.56 -15.38 5.68
N GLY A 99 -31.77 -14.08 5.77
CA GLY A 99 -30.76 -13.20 6.35
C GLY A 99 -31.00 -11.77 5.98
N ARG A 100 -30.20 -10.88 6.58
CA ARG A 100 -30.44 -9.46 6.42
C ARG A 100 -29.25 -8.70 5.85
N SER A 101 -28.09 -9.33 5.75
CA SER A 101 -27.04 -8.78 4.91
C SER A 101 -26.33 -9.94 4.23
N SER A 102 -25.53 -9.64 3.21
CA SER A 102 -24.89 -10.70 2.47
C SER A 102 -23.67 -10.27 1.65
N SER A 103 -23.00 -11.30 1.14
CA SER A 103 -21.92 -11.13 0.18
C SER A 103 -21.93 -12.42 -0.64
N ALA A 104 -21.45 -12.33 -1.88
CA ALA A 104 -21.37 -13.48 -2.75
C ALA A 104 -20.25 -13.29 -3.76
N CYS A 105 -19.58 -14.38 -4.10
CA CYS A 105 -18.52 -14.33 -5.12
C CYS A 105 -18.26 -15.69 -5.72
N PHE A 106 -17.90 -15.68 -7.00
CA PHE A 106 -17.70 -16.90 -7.77
C PHE A 106 -16.20 -17.15 -7.92
N ASP A 107 -15.71 -18.33 -7.62
CA ASP A 107 -14.27 -18.52 -7.53
C ASP A 107 -13.71 -19.20 -8.76
N GLY A 108 -14.53 -19.36 -9.80
CA GLY A 108 -14.14 -20.07 -11.00
C GLY A 108 -14.82 -21.43 -11.10
N LEU A 109 -15.24 -21.96 -9.95
CA LEU A 109 -15.89 -23.26 -9.90
C LEU A 109 -17.29 -23.20 -9.30
N LYS A 110 -17.43 -22.58 -8.13
CA LYS A 110 -18.73 -22.50 -7.47
C LYS A 110 -18.90 -21.17 -6.76
N TRP A 111 -20.16 -20.86 -6.47
CA TRP A 111 -20.53 -19.67 -5.74
C TRP A 111 -20.23 -19.85 -4.26
N THR A 112 -19.57 -18.88 -3.67
CA THR A 112 -19.54 -18.74 -2.22
C THR A 112 -20.57 -17.68 -1.89
N VAL A 113 -21.47 -17.99 -0.96
CA VAL A 113 -22.46 -17.03 -0.50
C VAL A 113 -22.45 -16.98 1.02
N LEU A 114 -22.52 -15.77 1.57
CA LEU A 114 -22.57 -15.54 3.01
C LEU A 114 -23.81 -14.73 3.37
N VAL A 115 -24.51 -15.12 4.42
CA VAL A 115 -25.59 -14.26 4.93
C VAL A 115 -25.44 -14.11 6.44
N SER A 116 -25.88 -12.98 6.98
CA SER A 116 -25.93 -12.83 8.42
C SER A 116 -27.36 -12.92 8.90
N ASN A 117 -27.52 -13.38 10.13
CA ASN A 117 -28.83 -13.49 10.71
C ASN A 117 -28.68 -13.56 12.24
N GLY A 118 -29.80 -13.54 12.93
CA GLY A 118 -29.79 -13.61 14.38
C GLY A 118 -29.62 -12.21 14.94
N ARG A 119 -29.55 -12.08 16.26
CA ARG A 119 -29.39 -10.77 16.90
C ARG A 119 -28.30 -10.75 17.99
N ASP A 120 -27.62 -9.63 18.09
CA ASP A 120 -26.71 -9.40 19.20
C ASP A 120 -25.65 -10.45 19.28
N ARG A 121 -25.49 -11.04 20.46
CA ARG A 121 -24.38 -11.90 20.69
C ARG A 121 -24.65 -13.22 20.02
N ASN A 122 -25.89 -13.44 19.62
CA ASN A 122 -26.21 -14.68 18.91
C ASN A 122 -26.30 -14.49 17.40
N SER A 123 -26.04 -13.27 16.95
CA SER A 123 -25.88 -12.97 15.51
C SER A 123 -24.82 -13.91 14.92
N PHE A 124 -25.03 -14.39 13.70
CA PHE A 124 -24.07 -15.27 13.09
C PHE A 124 -24.03 -15.04 11.59
N ILE A 125 -22.98 -15.58 10.99
CA ILE A 125 -22.87 -15.69 9.54
C ILE A 125 -22.84 -17.12 9.10
N MET A 126 -23.58 -17.46 8.06
CA MET A 126 -23.44 -18.75 7.44
C MET A 126 -22.97 -18.60 5.98
N ILE A 127 -22.27 -19.63 5.56
CA ILE A 127 -21.60 -19.67 4.32
C ILE A 127 -22.04 -20.90 3.58
N LYS A 128 -22.32 -20.70 2.31
CA LYS A 128 -22.61 -21.81 1.42
C LYS A 128 -21.61 -21.82 0.26
N TYR A 129 -21.19 -23.01 -0.17
CA TYR A 129 -20.31 -23.18 -1.33
C TYR A 129 -21.07 -24.14 -2.25
N GLY A 130 -21.46 -23.66 -3.41
CA GLY A 130 -22.37 -24.42 -4.24
C GLY A 130 -23.68 -24.65 -3.48
N GLU A 131 -24.14 -25.88 -3.47
CA GLU A 131 -25.43 -26.21 -2.86
C GLU A 131 -25.31 -26.57 -1.39
N GLU A 132 -24.11 -26.50 -0.81
CA GLU A 132 -23.95 -27.00 0.56
C GLU A 132 -23.57 -25.89 1.53
N ILE A 133 -24.16 -25.91 2.72
CA ILE A 133 -23.77 -24.99 3.78
C ILE A 133 -22.47 -25.53 4.34
N THR A 134 -21.42 -24.70 4.34
CA THR A 134 -20.08 -25.19 4.64
C THR A 134 -19.48 -24.62 5.91
N ASP A 135 -19.98 -23.51 6.43
CA ASP A 135 -19.38 -23.00 7.66
C ASP A 135 -20.28 -21.98 8.30
N THR A 136 -20.01 -21.67 9.57
CA THR A 136 -20.72 -20.64 10.28
C THR A 136 -19.74 -20.03 11.26
N PHE A 137 -20.04 -18.84 11.74
CA PHE A 137 -19.38 -18.27 12.88
C PHE A 137 -20.28 -17.24 13.50
N SER A 138 -20.09 -17.01 14.79
CA SER A 138 -20.96 -16.14 15.54
C SER A 138 -20.24 -14.86 15.90
N ALA A 139 -21.02 -13.87 16.36
CA ALA A 139 -20.48 -12.56 16.77
C ALA A 139 -19.43 -12.71 17.87
N SER A 140 -18.39 -11.88 17.86
CA SER A 140 -17.39 -11.86 18.92
C SER A 140 -17.50 -10.61 19.79
N ARG A 141 -18.12 -9.55 19.28
CA ARG A 141 -18.02 -8.25 19.93
C ARG A 141 -19.37 -7.64 20.16
N GLY A 142 -20.35 -8.50 20.30
CA GLY A 142 -21.65 -8.09 20.76
C GLY A 142 -22.68 -8.07 19.65
N GLY A 143 -22.23 -8.23 18.41
CA GLY A 143 -23.16 -8.23 17.29
C GLY A 143 -23.73 -6.86 17.05
N PRO A 144 -24.54 -6.72 15.98
CA PRO A 144 -24.82 -7.76 15.00
C PRO A 144 -23.61 -8.02 14.10
N LEU A 145 -23.39 -9.23 13.64
CA LEU A 145 -22.45 -9.46 12.56
C LEU A 145 -23.04 -8.90 11.27
N ARG A 146 -22.22 -8.21 10.48
CA ARG A 146 -22.68 -7.49 9.28
C ARG A 146 -21.76 -7.77 8.09
N LEU A 147 -22.36 -8.20 6.97
CA LEU A 147 -21.67 -8.38 5.72
C LEU A 147 -21.90 -7.11 4.90
N PRO A 148 -21.07 -6.87 3.88
CA PRO A 148 -21.07 -5.53 3.27
C PRO A 148 -22.08 -5.27 2.17
N ASN A 149 -22.83 -6.28 1.74
CA ASN A 149 -23.78 -6.12 0.64
C ASN A 149 -23.10 -5.62 -0.63
N SER A 150 -22.00 -6.29 -0.93
CA SER A 150 -21.26 -6.13 -2.21
C SER A 150 -20.52 -7.43 -2.42
N GLU A 151 -20.02 -7.69 -3.62
CA GLU A 151 -19.44 -9.00 -3.87
C GLU A 151 -18.17 -9.17 -3.06
N CYS A 152 -17.89 -10.40 -2.63
CA CYS A 152 -16.62 -10.68 -2.02
C CYS A 152 -15.62 -10.95 -3.18
N ILE A 153 -14.34 -11.10 -2.86
CA ILE A 153 -13.27 -11.09 -3.89
C ILE A 153 -12.51 -12.40 -3.83
N CYS A 154 -12.50 -13.12 -4.93
CA CYS A 154 -11.85 -14.41 -5.03
C CYS A 154 -10.61 -14.25 -5.88
N VAL A 155 -9.48 -14.75 -5.38
CA VAL A 155 -8.20 -14.72 -6.08
C VAL A 155 -7.57 -16.10 -5.96
N GLU A 156 -7.44 -16.82 -7.07
CA GLU A 156 -6.79 -18.13 -7.08
C GLU A 156 -7.43 -19.08 -6.07
N GLY A 157 -8.75 -19.16 -6.10
CA GLY A 157 -9.46 -20.10 -5.27
C GLY A 157 -9.64 -19.70 -3.83
N SER A 158 -9.03 -18.61 -3.38
CA SER A 158 -9.37 -18.05 -2.07
C SER A 158 -10.28 -16.86 -2.18
N CYS A 159 -11.25 -16.78 -1.28
CA CYS A 159 -12.18 -15.67 -1.31
C CYS A 159 -12.07 -14.85 -0.04
N PHE A 160 -12.15 -13.54 -0.17
CA PHE A 160 -11.89 -12.63 0.92
C PHE A 160 -13.12 -11.78 1.09
N VAL A 161 -13.52 -11.58 2.34
CA VAL A 161 -14.71 -10.77 2.62
C VAL A 161 -14.47 -10.02 3.88
N LEU A 162 -14.98 -8.79 3.93
CA LEU A 162 -14.92 -7.97 5.13
C LEU A 162 -16.16 -8.15 5.97
N VAL A 163 -15.97 -8.33 7.25
CA VAL A 163 -17.08 -8.60 8.18
C VAL A 163 -16.99 -7.60 9.30
N SER A 164 -18.09 -6.97 9.67
CA SER A 164 -18.09 -6.01 10.76
C SER A 164 -18.91 -6.51 11.95
N ASP A 165 -18.60 -5.99 13.13
CA ASP A 165 -19.20 -6.46 14.39
C ASP A 165 -19.21 -5.28 15.34
N GLY A 166 -20.01 -5.36 16.39
CA GLY A 166 -20.10 -4.30 17.35
C GLY A 166 -21.39 -3.52 17.21
N PRO A 167 -22.00 -3.14 18.34
CA PRO A 167 -23.33 -2.54 18.30
C PRO A 167 -23.30 -1.03 18.03
N ASN A 168 -22.15 -0.40 18.20
CA ASN A 168 -22.08 1.07 18.10
C ASN A 168 -21.09 1.48 17.05
N VAL A 169 -21.48 2.36 16.12
CA VAL A 169 -20.55 2.81 15.09
C VAL A 169 -19.27 3.44 15.66
N ASN A 170 -19.33 3.96 16.88
CA ASN A 170 -18.12 4.55 17.47
C ASN A 170 -17.19 3.52 18.12
N GLN A 171 -17.56 2.25 18.10
CA GLN A 171 -16.62 1.22 18.55
C GLN A 171 -16.83 -0.04 17.73
N SER A 172 -16.66 0.09 16.43
CA SER A 172 -16.94 -1.02 15.56
C SER A 172 -15.68 -1.83 15.37
N VAL A 173 -15.86 -3.09 15.03
CA VAL A 173 -14.76 -3.96 14.69
C VAL A 173 -14.90 -4.56 13.30
N HIS A 174 -13.78 -4.68 12.60
CA HIS A 174 -13.76 -5.12 11.22
C HIS A 174 -12.67 -6.15 10.99
N ARG A 175 -13.05 -7.23 10.32
CA ARG A 175 -12.12 -8.30 10.05
C ARG A 175 -12.24 -8.70 8.62
N ILE A 176 -11.10 -9.06 8.04
CA ILE A 176 -11.06 -9.75 6.77
C ILE A 176 -11.04 -11.23 7.04
N TYR A 177 -11.98 -11.94 6.43
CA TYR A 177 -12.02 -13.39 6.49
C TYR A 177 -11.55 -13.94 5.17
N GLU A 178 -10.66 -14.91 5.23
CA GLU A 178 -10.24 -15.64 4.06
C GLU A 178 -10.89 -17.02 4.00
N LEU A 179 -11.51 -17.30 2.86
CA LEU A 179 -12.22 -18.57 2.68
C LEU A 179 -11.70 -19.38 1.54
N GLN A 180 -11.88 -20.69 1.63
CA GLN A 180 -11.62 -21.59 0.52
C GLN A 180 -12.69 -22.67 0.51
N ASN A 181 -13.39 -22.80 -0.62
CA ASN A 181 -14.47 -23.77 -0.72
C ASN A 181 -15.52 -23.48 0.33
N GLY A 182 -15.72 -22.21 0.68
CA GLY A 182 -16.74 -21.88 1.68
C GLY A 182 -16.35 -22.17 3.11
N THR A 183 -15.09 -22.50 3.34
CA THR A 183 -14.62 -22.75 4.70
C THR A 183 -13.65 -21.70 5.18
N VAL A 184 -13.85 -21.19 6.40
CA VAL A 184 -12.97 -20.14 6.93
C VAL A 184 -11.55 -20.70 7.15
N GLN A 185 -10.55 -20.10 6.53
CA GLN A 185 -9.17 -20.54 6.70
C GLN A 185 -8.52 -19.74 7.80
N ARG A 186 -8.80 -18.45 7.82
CA ARG A 186 -8.25 -17.59 8.84
C ARG A 186 -8.88 -16.25 8.66
N TRP A 187 -8.63 -15.37 9.62
CA TRP A 187 -9.10 -14.01 9.55
C TRP A 187 -8.06 -13.09 10.19
N LYS A 188 -8.21 -11.80 9.92
CA LYS A 188 -7.36 -10.78 10.46
C LYS A 188 -8.24 -9.62 10.87
N GLN A 189 -8.24 -9.28 12.16
CA GLN A 189 -8.96 -8.11 12.62
C GLN A 189 -8.13 -6.87 12.33
N LEU A 190 -8.75 -5.84 11.79
CA LEU A 190 -8.03 -4.62 11.39
C LEU A 190 -7.97 -3.64 12.53
N ASN A 191 -6.91 -2.83 12.61
CA ASN A 191 -6.93 -1.66 13.47
C ASN A 191 -7.65 -0.48 12.81
N THR A 192 -8.86 -0.23 13.25
CA THR A 192 -9.68 0.86 12.72
C THR A 192 -9.98 1.88 13.82
N THR A 193 -9.09 1.96 14.80
CA THR A 193 -9.26 2.91 15.89
C THR A 193 -9.43 4.31 15.37
N GLY A 194 -10.47 5.00 15.83
CA GLY A 194 -10.79 6.34 15.38
C GLY A 194 -11.68 6.44 14.14
N ILE A 195 -11.95 5.33 13.46
CA ILE A 195 -12.86 5.37 12.29
C ILE A 195 -13.90 4.27 12.34
N ASN A 196 -14.75 4.22 11.32
CA ASN A 196 -15.75 3.19 11.15
C ASN A 196 -15.71 2.82 9.68
N PHE A 197 -15.86 1.54 9.36
CA PHE A 197 -15.58 1.04 8.02
C PHE A 197 -16.68 0.03 7.60
N GLU A 198 -17.87 0.54 7.35
CA GLU A 198 -19.03 -0.26 6.98
C GLU A 198 -19.15 -0.37 5.47
N TYR A 199 -19.98 -1.31 5.01
CA TYR A 199 -20.40 -1.37 3.61
C TYR A 199 -19.22 -1.42 2.65
N SER A 200 -18.21 -2.16 3.03
CA SER A 200 -17.00 -2.26 2.24
C SER A 200 -17.31 -2.73 0.79
N THR A 201 -16.83 -2.03 -0.22
CA THR A 201 -17.00 -2.50 -1.59
C THR A 201 -15.62 -2.56 -2.23
N CYS A 202 -15.32 -3.70 -2.83
CA CYS A 202 -13.96 -4.10 -3.14
C CYS A 202 -13.81 -4.54 -4.60
N TYR A 203 -12.59 -4.43 -5.12
CA TYR A 203 -12.24 -4.98 -6.42
C TYR A 203 -10.81 -5.42 -6.30
N THR A 204 -10.33 -6.16 -7.29
CA THR A 204 -8.94 -6.58 -7.27
C THR A 204 -8.26 -6.29 -8.60
N ILE A 205 -7.04 -5.78 -8.50
CA ILE A 205 -6.16 -5.59 -9.64
C ILE A 205 -4.74 -5.99 -9.23
N ASN A 206 -4.13 -6.89 -9.98
CA ASN A 206 -2.74 -7.30 -9.72
C ASN A 206 -2.53 -7.94 -8.35
N ASN A 207 -3.41 -8.87 -8.02
CA ASN A 207 -3.47 -9.50 -6.70
C ASN A 207 -3.33 -8.56 -5.49
N LEU A 208 -3.63 -7.28 -5.68
CA LEU A 208 -3.98 -6.42 -4.55
C LEU A 208 -5.51 -6.37 -4.46
N ILE A 209 -6.03 -6.30 -3.24
CA ILE A 209 -7.44 -6.06 -3.10
C ILE A 209 -7.69 -4.70 -2.51
N LYS A 210 -8.60 -3.95 -3.12
CA LYS A 210 -8.82 -2.59 -2.65
C LYS A 210 -10.30 -2.40 -2.32
N CYS A 211 -10.59 -1.81 -1.16
CA CYS A 211 -11.97 -1.64 -0.78
C CYS A 211 -12.26 -0.22 -0.34
N THR A 212 -13.43 0.27 -0.69
CA THR A 212 -13.91 1.55 -0.19
C THR A 212 -14.93 1.31 0.93
N GLY A 213 -14.76 2.04 2.01
CA GLY A 213 -15.62 1.96 3.20
C GLY A 213 -16.56 3.15 3.32
N THR A 214 -17.54 3.00 4.18
CA THR A 214 -18.42 4.10 4.54
C THR A 214 -18.29 4.31 6.04
N ASN A 215 -17.96 5.53 6.44
CA ASN A 215 -17.81 5.84 7.84
C ASN A 215 -19.11 6.45 8.35
N LEU A 216 -19.85 5.69 9.16
CA LEU A 216 -21.14 6.12 9.68
C LEU A 216 -21.04 6.90 10.98
N TRP A 217 -19.82 7.07 11.45
CA TRP A 217 -19.60 7.72 12.74
C TRP A 217 -19.16 9.17 12.62
N ASN A 218 -17.99 9.39 12.04
CA ASN A 218 -17.35 10.70 12.10
C ASN A 218 -16.57 11.13 10.86
N ASP A 219 -17.02 10.75 9.68
CA ASP A 219 -16.31 11.13 8.47
C ASP A 219 -17.29 11.12 7.31
N ALA A 220 -17.16 12.18 6.52
CA ALA A 220 -17.86 12.35 5.24
C ALA A 220 -16.93 12.05 4.07
N LYS A 221 -15.64 11.89 4.33
CA LYS A 221 -14.80 11.26 3.32
C LYS A 221 -14.94 9.77 3.51
N ARG A 222 -14.56 8.98 2.49
CA ARG A 222 -14.62 7.51 2.62
C ARG A 222 -13.25 6.90 2.92
N PRO A 223 -13.15 6.12 4.00
CA PRO A 223 -11.90 5.41 4.26
C PRO A 223 -11.63 4.37 3.20
N LEU A 224 -10.36 4.15 2.96
CA LEU A 224 -9.93 3.21 1.95
C LEU A 224 -9.07 2.12 2.56
N LEU A 225 -9.18 0.91 2.02
CA LEU A 225 -8.43 -0.25 2.49
C LEU A 225 -7.66 -0.86 1.34
N ARG A 226 -6.40 -1.20 1.56
CA ARG A 226 -5.67 -1.95 0.57
C ARG A 226 -5.16 -3.22 1.27
N PHE A 227 -5.29 -4.40 0.67
CA PHE A 227 -4.73 -5.57 1.32
C PHE A 227 -4.31 -6.63 0.36
N THR A 228 -3.54 -7.58 0.84
CA THR A 228 -3.01 -8.64 0.02
C THR A 228 -3.54 -10.01 0.45
N LYS A 229 -3.28 -11.00 -0.40
CA LYS A 229 -3.64 -12.39 -0.13
C LYS A 229 -2.99 -12.95 1.14
N ASP A 230 -2.01 -12.27 1.69
CA ASP A 230 -1.39 -12.70 2.95
C ASP A 230 -1.99 -11.94 4.12
N LEU A 231 -2.97 -11.09 3.82
CA LEU A 231 -3.67 -10.28 4.81
C LEU A 231 -2.83 -9.19 5.45
N ASN A 232 -1.78 -8.78 4.78
CA ASN A 232 -1.20 -7.47 5.05
C ASN A 232 -2.12 -6.40 4.49
N TYR A 233 -2.19 -5.28 5.17
CA TYR A 233 -3.14 -4.25 4.80
C TYR A 233 -2.66 -2.86 5.19
N GLN A 234 -3.28 -1.86 4.57
CA GLN A 234 -3.09 -0.45 4.84
C GLN A 234 -4.47 0.25 4.79
N ILE A 235 -4.78 1.11 5.74
CA ILE A 235 -5.97 1.92 5.65
C ILE A 235 -5.58 3.38 5.48
N VAL A 236 -6.10 4.03 4.45
CA VAL A 236 -5.76 5.42 4.20
C VAL A 236 -6.98 6.28 4.03
N GLU A 237 -6.77 7.58 4.12
CA GLU A 237 -7.80 8.61 4.02
C GLU A 237 -7.60 9.36 2.69
N PRO A 238 -8.67 9.67 1.94
CA PRO A 238 -8.45 10.52 0.78
C PRO A 238 -7.83 11.88 1.18
N CYS A 239 -6.93 12.42 0.34
CA CYS A 239 -6.24 13.65 0.69
C CYS A 239 -6.73 14.88 -0.07
N ASN A 240 -7.85 14.74 -0.78
CA ASN A 240 -8.48 15.88 -1.42
C ASN A 240 -9.37 16.69 -0.48
N GLY A 241 -10.19 17.55 -1.04
CA GLY A 241 -11.07 18.38 -0.22
C GLY A 241 -12.54 18.23 -0.56
N ALA A 242 -12.86 17.19 -1.33
CA ALA A 242 -14.20 16.92 -1.78
C ALA A 242 -14.72 15.57 -1.18
N PRO A 243 -15.31 15.62 0.01
CA PRO A 243 -15.91 14.40 0.60
C PRO A 243 -16.92 13.77 -0.34
N THR A 244 -17.07 12.44 -0.32
CA THR A 244 -17.99 11.80 -1.22
C THR A 244 -19.11 10.97 -0.58
N ASP A 245 -19.16 10.96 0.72
CA ASP A 245 -20.25 10.30 1.43
C ASP A 245 -21.52 11.15 1.30
N PHE A 246 -22.66 10.56 1.63
CA PHE A 246 -23.90 11.28 1.81
C PHE A 246 -24.56 10.80 3.10
N PRO A 247 -24.82 11.70 4.04
CA PRO A 247 -24.65 13.16 4.00
C PRO A 247 -23.18 13.63 4.03
N ARG A 248 -22.97 14.91 3.73
CA ARG A 248 -21.65 15.49 3.87
C ARG A 248 -21.75 17.00 3.94
N GLY A 249 -20.62 17.65 4.19
CA GLY A 249 -20.54 19.09 4.13
C GLY A 249 -20.12 19.55 2.75
N GLY A 250 -19.64 20.78 2.67
CA GLY A 250 -19.21 21.36 1.42
C GLY A 250 -17.75 21.02 1.22
N LEU A 251 -17.19 21.57 0.14
CA LEU A 251 -15.80 21.36 -0.18
C LEU A 251 -14.96 22.08 0.84
N THR A 252 -13.73 21.61 1.04
CA THR A 252 -12.81 22.22 1.97
C THR A 252 -11.43 22.25 1.35
N THR A 253 -10.48 22.81 2.06
CA THR A 253 -9.08 22.75 1.68
C THR A 253 -8.60 21.31 1.67
N PRO A 254 -7.93 20.92 0.58
CA PRO A 254 -7.32 19.59 0.49
C PRO A 254 -6.40 19.32 1.64
N SER A 255 -6.54 18.16 2.26
CA SER A 255 -5.60 17.69 3.27
C SER A 255 -5.93 16.23 3.52
N CYS A 256 -5.05 15.52 4.23
CA CYS A 256 -5.40 14.11 4.45
C CYS A 256 -6.13 13.87 5.81
N LYS A 257 -6.71 14.96 6.29
CA LYS A 257 -7.59 14.97 7.45
C LYS A 257 -9.02 14.50 7.17
N MET A 258 -9.70 13.99 8.19
CA MET A 258 -11.03 13.48 8.02
C MET A 258 -11.96 14.66 7.84
N ALA A 259 -13.03 14.48 7.09
CA ALA A 259 -14.03 15.54 6.95
C ALA A 259 -15.14 15.31 7.95
N GLN A 260 -15.03 15.98 9.10
CA GLN A 260 -15.88 15.65 10.25
C GLN A 260 -17.27 16.25 10.14
N GLU A 261 -17.40 17.29 9.33
CA GLU A 261 -18.66 17.94 9.21
C GLU A 261 -19.69 17.03 8.53
N LYS A 262 -20.81 16.84 9.21
CA LYS A 262 -21.85 15.92 8.78
C LYS A 262 -21.24 14.54 8.50
N GLY A 263 -20.27 14.17 9.31
CA GLY A 263 -19.63 12.89 9.18
C GLY A 263 -20.53 11.74 9.63
N GLU A 264 -21.43 12.01 10.57
CA GLU A 264 -22.30 10.94 11.07
C GLU A 264 -23.28 10.51 9.98
N GLY A 265 -23.56 9.21 9.92
CA GLY A 265 -24.43 8.66 8.89
C GLY A 265 -23.61 8.39 7.60
N GLY A 266 -24.28 7.92 6.56
CA GLY A 266 -23.54 7.60 5.35
C GLY A 266 -24.28 6.62 4.48
N ILE A 267 -23.74 6.41 3.28
CA ILE A 267 -24.33 5.47 2.34
C ILE A 267 -23.20 4.76 1.58
N GLN A 268 -23.44 3.50 1.24
CA GLN A 268 -22.44 2.71 0.57
C GLN A 268 -22.01 3.41 -0.73
N GLY A 269 -20.69 3.50 -0.95
CA GLY A 269 -20.16 4.00 -2.21
C GLY A 269 -18.71 3.58 -2.45
N PHE A 270 -18.12 4.03 -3.57
CA PHE A 270 -16.83 3.52 -3.99
C PHE A 270 -15.88 4.62 -4.48
N ILE A 271 -14.59 4.31 -4.38
CA ILE A 271 -13.52 5.11 -4.95
C ILE A 271 -12.58 4.15 -5.66
N LEU A 272 -12.37 4.37 -6.95
CA LEU A 272 -11.39 3.60 -7.67
C LEU A 272 -10.03 4.11 -7.25
N ASP A 273 -9.31 3.28 -6.48
CA ASP A 273 -8.08 3.70 -5.76
C ASP A 273 -6.86 3.34 -6.60
N GLU A 274 -6.72 4.00 -7.74
CA GLU A 274 -5.65 3.70 -8.68
C GLU A 274 -5.01 5.07 -9.08
N LYS A 275 -4.22 5.06 -10.14
CA LYS A 275 -3.67 6.29 -10.76
C LYS A 275 -3.86 6.10 -12.23
N PRO A 276 -4.83 6.80 -12.82
CA PRO A 276 -5.73 7.74 -12.17
C PRO A 276 -6.78 7.11 -11.23
N ALA A 277 -7.19 7.88 -10.23
CA ALA A 277 -8.29 7.51 -9.35
C ALA A 277 -9.58 8.10 -9.84
N TRP A 278 -10.69 7.52 -9.43
CA TRP A 278 -11.99 8.09 -9.75
C TRP A 278 -12.84 8.09 -8.50
N THR A 279 -13.42 9.25 -8.18
CA THR A 279 -14.33 9.40 -7.08
C THR A 279 -15.73 9.48 -7.63
N SER A 280 -16.70 9.36 -6.73
CA SER A 280 -18.08 9.34 -7.13
C SER A 280 -18.95 9.81 -5.97
N LYS A 281 -19.96 10.61 -6.27
CA LYS A 281 -20.82 11.19 -5.26
C LYS A 281 -22.08 11.75 -5.89
N THR A 282 -23.03 12.11 -5.03
CA THR A 282 -24.19 12.83 -5.49
C THR A 282 -23.72 14.18 -6.06
N LYS A 283 -24.56 14.81 -6.88
CA LYS A 283 -24.17 16.10 -7.48
C LYS A 283 -23.91 17.14 -6.40
N THR A 284 -24.79 17.24 -5.40
CA THR A 284 -24.53 18.18 -4.31
C THR A 284 -24.72 17.52 -2.93
N GLU A 285 -24.30 18.23 -1.88
CA GLU A 285 -24.49 17.76 -0.52
C GLU A 285 -25.91 17.97 -0.03
N LEU A 286 -26.76 18.60 -0.83
CA LEU A 286 -28.10 18.96 -0.35
C LEU A 286 -29.19 18.01 -0.80
N SER A 287 -28.83 17.04 -1.63
CA SER A 287 -29.83 16.24 -2.29
C SER A 287 -29.17 14.97 -2.81
N GLN A 288 -29.94 13.90 -2.93
CA GLN A 288 -29.40 12.67 -3.48
C GLN A 288 -29.63 12.56 -4.99
N ASN A 289 -29.95 13.68 -5.63
CA ASN A 289 -30.05 13.69 -7.06
C ASN A 289 -28.70 13.60 -7.75
N GLY A 290 -28.64 12.87 -8.84
CA GLY A 290 -27.48 12.94 -9.73
C GLY A 290 -26.34 12.08 -9.22
N PHE A 291 -25.36 11.87 -10.08
CA PHE A 291 -24.19 11.10 -9.75
C PHE A 291 -23.03 11.63 -10.56
N VAL A 292 -21.98 12.02 -9.86
CA VAL A 292 -20.83 12.63 -10.49
C VAL A 292 -19.63 11.75 -10.30
N LEU A 293 -18.92 11.51 -11.40
CA LEU A 293 -17.64 10.81 -11.41
C LEU A 293 -16.52 11.79 -11.75
N GLU A 294 -15.46 11.78 -10.95
CA GLU A 294 -14.33 12.67 -11.16
C GLU A 294 -13.04 11.89 -11.19
N GLN A 295 -12.24 12.12 -12.24
CA GLN A 295 -10.95 11.49 -12.40
C GLN A 295 -9.83 12.37 -11.80
N ILE A 296 -8.93 11.73 -11.03
CA ILE A 296 -7.84 12.41 -10.36
C ILE A 296 -6.53 11.71 -10.77
N PRO A 297 -5.81 12.27 -11.76
CA PRO A 297 -4.63 11.54 -12.28
C PRO A 297 -3.57 11.20 -11.22
N ASP A 298 -3.36 12.03 -10.21
CA ASP A 298 -2.27 11.70 -9.30
C ASP A 298 -2.73 10.76 -8.18
N GLY A 299 -3.94 10.23 -8.24
CA GLY A 299 -4.37 9.32 -7.16
C GLY A 299 -5.04 9.94 -5.95
N ILE A 300 -5.58 9.08 -5.09
CA ILE A 300 -6.49 9.57 -4.09
C ILE A 300 -5.77 10.20 -2.91
N GLU A 301 -4.49 9.87 -2.77
CA GLU A 301 -3.63 10.48 -1.73
C GLU A 301 -2.96 11.79 -2.16
N SER A 302 -3.24 12.24 -3.38
CA SER A 302 -2.74 13.55 -3.88
C SER A 302 -3.69 14.65 -3.48
N GLU A 303 -3.48 15.88 -3.95
CA GLU A 303 -4.36 16.99 -3.49
C GLU A 303 -5.73 16.98 -4.17
N GLY A 304 -5.91 16.15 -5.19
CA GLY A 304 -7.22 15.90 -5.74
C GLY A 304 -7.61 16.67 -6.98
N THR A 305 -6.62 17.13 -7.72
CA THR A 305 -6.88 17.90 -8.94
C THR A 305 -7.61 17.03 -9.95
N VAL A 306 -8.72 17.53 -10.45
CA VAL A 306 -9.59 16.79 -11.34
C VAL A 306 -9.29 17.08 -12.80
N SER A 307 -9.16 16.04 -13.60
CA SER A 307 -8.87 16.18 -15.01
C SER A 307 -10.08 15.98 -15.90
N LEU A 308 -11.08 15.30 -15.38
CA LEU A 308 -12.21 14.89 -16.20
C LEU A 308 -13.36 14.60 -15.22
N SER A 309 -14.57 15.09 -15.52
CA SER A 309 -15.71 14.76 -14.71
C SER A 309 -16.92 14.40 -15.53
N TYR A 310 -17.75 13.49 -15.00
CA TYR A 310 -19.03 13.11 -15.61
C TYR A 310 -20.16 13.52 -14.70
N GLU A 311 -21.28 13.88 -15.30
CA GLU A 311 -22.52 14.07 -14.57
C GLU A 311 -23.57 13.17 -15.18
N LEU A 312 -24.19 12.36 -14.32
CA LEU A 312 -25.13 11.30 -14.71
C LEU A 312 -26.44 11.52 -13.95
N PHE A 313 -27.57 11.11 -14.52
CA PHE A 313 -28.81 10.94 -13.74
C PHE A 313 -29.23 12.22 -13.06
N SER A 314 -29.09 13.32 -13.79
CA SER A 314 -29.11 14.64 -13.16
C SER A 314 -30.35 14.87 -12.31
N ASN A 315 -31.50 14.49 -12.80
CA ASN A 315 -32.68 14.72 -11.97
C ASN A 315 -33.33 13.45 -11.44
N LYS A 316 -32.51 12.42 -11.17
CA LYS A 316 -33.01 11.18 -10.53
C LYS A 316 -32.32 10.98 -9.19
N ARG A 317 -33.02 10.38 -8.23
CA ARG A 317 -32.44 10.17 -6.92
C ARG A 317 -31.57 8.96 -7.04
N THR A 318 -30.35 9.03 -6.55
CA THR A 318 -29.46 7.89 -6.65
C THR A 318 -29.13 7.44 -5.25
N GLY A 319 -28.63 6.22 -5.13
CA GLY A 319 -28.48 5.61 -3.84
C GLY A 319 -27.14 4.97 -3.64
N ARG A 320 -27.15 3.73 -3.17
CA ARG A 320 -25.92 2.99 -2.92
C ARG A 320 -25.21 2.71 -4.21
N SER A 321 -23.90 2.57 -4.13
CA SER A 321 -23.10 2.17 -5.26
C SER A 321 -21.94 1.30 -4.80
N GLY A 322 -21.42 0.49 -5.72
CA GLY A 322 -20.31 -0.39 -5.37
C GLY A 322 -19.72 -1.04 -6.60
N PHE A 323 -18.57 -1.69 -6.41
CA PHE A 323 -17.86 -2.37 -7.49
C PHE A 323 -18.37 -3.77 -7.79
N PHE A 324 -18.14 -4.18 -9.02
CA PHE A 324 -18.18 -5.60 -9.39
C PHE A 324 -17.26 -5.79 -10.57
N GLN A 325 -16.77 -7.03 -10.76
CA GLN A 325 -15.83 -7.34 -11.82
C GLN A 325 -16.31 -8.54 -12.64
N PRO A 326 -16.66 -8.32 -13.91
CA PRO A 326 -17.03 -9.47 -14.76
C PRO A 326 -15.85 -10.40 -14.93
N LYS A 327 -16.01 -11.68 -15.25
CA LYS A 327 -14.88 -12.62 -15.12
C LYS A 327 -14.06 -12.93 -16.38
N GLY A 328 -14.68 -12.96 -17.56
CA GLY A 328 -13.91 -13.23 -18.79
C GLY A 328 -12.94 -12.10 -19.17
N GLU A 333 -6.91 -8.37 -21.49
CA GLU A 333 -5.59 -7.79 -21.26
C GLU A 333 -5.47 -7.10 -19.90
N CYS A 334 -6.10 -5.94 -19.76
CA CYS A 334 -6.21 -5.27 -18.48
C CYS A 334 -7.40 -5.89 -17.73
N GLN A 335 -7.38 -5.85 -16.42
CA GLN A 335 -8.54 -6.35 -15.64
C GLN A 335 -9.68 -5.35 -15.68
N ARG A 336 -10.87 -5.82 -15.98
CA ARG A 336 -12.05 -4.96 -15.94
C ARG A 336 -12.55 -4.61 -14.52
N VAL A 337 -13.13 -3.41 -14.42
CA VAL A 337 -13.77 -2.92 -13.20
C VAL A 337 -15.05 -2.25 -13.64
N CYS A 338 -16.13 -2.57 -12.95
CA CYS A 338 -17.42 -1.99 -13.19
C CYS A 338 -18.05 -1.54 -11.88
N PHE A 339 -19.15 -0.82 -11.96
CA PHE A 339 -19.87 -0.44 -10.76
C PHE A 339 -21.35 -0.53 -10.99
N TRP A 340 -22.06 -0.79 -9.89
CA TRP A 340 -23.50 -0.77 -9.82
C TRP A 340 -23.95 0.44 -9.00
N LEU A 341 -25.17 0.91 -9.28
CA LEU A 341 -25.69 2.12 -8.66
C LEU A 341 -27.20 2.01 -8.56
N GLU A 342 -27.75 2.22 -7.35
CA GLU A 342 -29.18 2.32 -7.17
C GLU A 342 -29.73 3.61 -7.74
N ILE A 343 -30.78 3.48 -8.51
CA ILE A 343 -31.50 4.63 -9.05
C ILE A 343 -33.02 4.46 -8.81
N GLU A 344 -33.71 5.55 -8.48
CA GLU A 344 -35.20 5.52 -8.39
C GLU A 344 -35.83 5.84 -9.74
N ILE A 353 -39.51 0.33 -8.17
CA ILE A 353 -39.16 1.61 -8.76
C ILE A 353 -37.68 1.91 -8.54
N GLN A 354 -37.07 1.15 -7.63
CA GLN A 354 -35.65 1.29 -7.36
C GLN A 354 -34.83 0.13 -7.91
N GLU A 355 -33.99 0.44 -8.89
CA GLU A 355 -33.30 -0.54 -9.71
C GLU A 355 -31.80 -0.25 -9.80
N LEU A 356 -31.00 -1.29 -10.06
CA LEU A 356 -29.56 -1.13 -10.26
C LEU A 356 -29.23 -0.83 -11.72
N SER A 357 -28.45 0.21 -11.94
CA SER A 357 -27.77 0.36 -13.21
C SER A 357 -26.31 -0.02 -13.06
N THR A 358 -25.65 -0.31 -14.17
CA THR A 358 -24.28 -0.74 -14.11
C THR A 358 -23.48 -0.02 -15.20
N PHE A 359 -22.22 0.23 -14.88
CA PHE A 359 -21.31 0.96 -15.73
C PHE A 359 -19.99 0.20 -15.68
N CYS A 360 -19.25 0.16 -16.79
CA CYS A 360 -17.93 -0.44 -16.79
C CYS A 360 -16.86 0.52 -17.26
N GLY A 361 -15.65 0.26 -16.77
CA GLY A 361 -14.52 1.12 -16.92
C GLY A 361 -13.88 0.77 -18.28
N ILE A 362 -13.38 1.77 -18.98
CA ILE A 362 -12.65 1.55 -20.25
C ILE A 362 -11.18 1.70 -19.95
N ASN A 363 -10.40 0.65 -20.19
CA ASN A 363 -8.94 0.68 -19.98
C ASN A 363 -8.08 1.13 -21.18
N SER A 364 -6.78 0.89 -21.01
CA SER A 364 -5.78 0.91 -22.09
C SER A 364 -6.05 -0.23 -23.07
N MET B 15 28.16 -22.10 18.65
CA MET B 15 29.42 -21.58 18.15
C MET B 15 29.49 -20.05 18.29
N CYS B 16 29.06 -19.33 17.25
CA CYS B 16 28.95 -17.86 17.32
C CYS B 16 27.70 -17.41 16.62
N GLU B 17 26.65 -18.18 16.80
CA GLU B 17 25.35 -17.90 16.19
C GLU B 17 24.94 -16.49 16.62
N VAL B 18 24.29 -15.75 15.73
CA VAL B 18 23.82 -14.43 16.07
C VAL B 18 22.45 -14.68 16.66
N LYS B 19 22.29 -14.40 17.95
CA LYS B 19 21.04 -14.80 18.64
C LYS B 19 20.11 -13.63 18.94
N GLY B 20 20.53 -12.42 18.59
CA GLY B 20 19.68 -11.25 18.67
C GLY B 20 20.42 -10.04 18.09
N TRP B 21 19.75 -8.88 18.01
CA TRP B 21 20.33 -7.65 17.54
C TRP B 21 19.94 -6.58 18.54
N VAL B 22 20.80 -5.62 18.75
CA VAL B 22 20.48 -4.48 19.61
C VAL B 22 20.92 -3.22 18.92
N PRO B 23 20.17 -2.12 19.11
CA PRO B 23 20.60 -0.79 18.63
C PRO B 23 21.86 -0.34 19.32
N THR B 24 22.70 0.35 18.57
CA THR B 24 23.98 0.87 19.06
C THR B 24 24.16 2.34 18.71
N HIS B 25 23.40 2.80 17.72
CA HIS B 25 23.31 4.24 17.46
C HIS B 25 21.97 4.63 16.79
N ARG B 26 21.41 5.78 17.17
CA ARG B 26 20.10 6.20 16.68
C ARG B 26 20.18 7.43 15.77
N PRO B 35 19.64 23.06 13.59
CA PRO B 35 20.01 22.15 12.49
C PRO B 35 20.72 22.91 11.37
N GLY B 36 21.92 23.41 11.66
CA GLY B 36 22.51 24.51 10.92
C GLY B 36 22.98 24.29 9.49
N ASP B 37 24.29 24.07 9.34
CA ASP B 37 24.95 23.96 8.04
C ASP B 37 24.83 22.54 7.44
N LEU B 38 23.60 22.03 7.39
CA LEU B 38 23.33 20.64 7.11
C LEU B 38 23.65 20.25 5.66
N ILE B 39 24.37 19.15 5.49
CA ILE B 39 24.68 18.64 4.15
C ILE B 39 23.61 17.62 3.74
N LEU B 40 23.06 17.73 2.54
CA LEU B 40 22.15 16.71 2.04
C LEU B 40 22.95 15.48 1.60
N SER B 41 22.63 14.33 2.18
CA SER B 41 23.41 13.10 1.94
C SER B 41 22.58 12.02 1.26
N ARG B 42 23.23 11.22 0.43
CA ARG B 42 22.61 10.01 -0.11
C ARG B 42 23.67 8.90 -0.12
N ARG B 43 23.21 7.64 -0.25
CA ARG B 43 24.12 6.49 -0.42
C ARG B 43 25.13 6.41 0.71
N ALA B 44 24.67 6.73 1.91
CA ALA B 44 25.53 6.68 3.09
C ALA B 44 25.69 5.26 3.57
N TYR B 45 26.80 4.96 4.22
CA TYR B 45 26.98 3.66 4.85
C TYR B 45 27.97 3.87 5.96
N VAL B 46 28.27 2.82 6.71
CA VAL B 46 29.14 2.98 7.86
C VAL B 46 30.36 2.13 7.70
N SER B 47 31.51 2.64 8.14
CA SER B 47 32.72 1.83 8.20
C SER B 47 33.60 2.30 9.34
N CYS B 48 34.46 1.43 9.87
CA CYS B 48 35.16 1.75 11.11
C CYS B 48 36.64 1.48 10.99
N ASP B 49 37.44 2.25 11.74
CA ASP B 49 38.85 1.92 11.88
C ASP B 49 39.06 1.25 13.26
N LEU B 50 40.26 1.28 13.83
CA LEU B 50 40.49 0.51 15.05
C LEU B 50 39.75 1.09 16.25
N THR B 51 39.55 2.40 16.26
CA THR B 51 38.97 3.07 17.43
C THR B 51 37.56 3.62 17.23
N SER B 52 37.24 4.10 16.03
CA SER B 52 36.00 4.83 15.79
C SER B 52 35.29 4.44 14.47
N CYS B 53 34.00 4.77 14.37
CA CYS B 53 33.18 4.45 13.18
C CYS B 53 32.76 5.72 12.45
N PHE B 54 32.60 5.64 11.13
CA PHE B 54 32.24 6.82 10.35
C PHE B 54 31.09 6.55 9.39
N LYS B 55 30.34 7.59 9.05
CA LYS B 55 29.39 7.55 7.96
C LYS B 55 30.12 8.08 6.75
N PHE B 56 30.05 7.32 5.68
CA PHE B 56 30.58 7.75 4.41
C PHE B 56 29.34 7.98 3.60
N PHE B 57 29.32 9.06 2.84
CA PHE B 57 28.16 9.38 2.02
C PHE B 57 28.49 10.31 0.85
N ILE B 58 27.56 10.36 -0.09
CA ILE B 58 27.62 11.28 -1.20
C ILE B 58 26.81 12.51 -0.83
N ALA B 59 27.45 13.67 -0.93
CA ALA B 59 26.83 14.94 -0.59
C ALA B 59 26.50 15.55 -1.91
N TYR B 60 25.26 15.99 -2.07
CA TYR B 60 24.84 16.48 -3.36
C TYR B 60 24.37 17.92 -3.29
N GLY B 61 24.49 18.51 -2.10
CA GLY B 61 24.10 19.89 -1.88
C GLY B 61 23.90 20.23 -0.41
N LEU B 62 23.27 21.38 -0.19
CA LEU B 62 23.19 21.91 1.16
C LEU B 62 21.79 22.42 1.47
N SER B 63 21.39 22.24 2.73
CA SER B 63 20.03 22.50 3.19
C SER B 63 19.54 23.91 2.86
N GLU B 76 28.46 19.87 -6.96
CA GLU B 76 28.91 18.60 -7.54
C GLU B 76 29.05 17.51 -6.48
N GLU B 77 28.59 16.30 -6.83
CA GLU B 77 28.60 15.19 -5.88
C GLU B 77 29.99 14.86 -5.44
N SER B 78 30.13 14.66 -4.16
CA SER B 78 31.40 14.25 -3.62
C SER B 78 31.17 13.31 -2.45
N LEU B 79 32.13 12.44 -2.26
CA LEU B 79 32.18 11.61 -1.10
C LEU B 79 32.67 12.43 0.08
N TYR B 80 31.94 12.31 1.17
CA TYR B 80 32.26 12.88 2.46
C TYR B 80 32.30 11.82 3.54
N LYS B 81 32.77 12.22 4.70
CA LYS B 81 32.93 11.31 5.83
C LYS B 81 32.67 12.09 7.12
N THR B 82 31.94 11.48 8.05
CA THR B 82 31.56 12.15 9.29
C THR B 82 31.67 11.14 10.42
N PRO B 83 32.19 11.54 11.58
CA PRO B 83 32.18 10.62 12.72
C PRO B 83 30.75 10.26 13.05
N ILE B 84 30.53 8.99 13.36
CA ILE B 84 29.17 8.44 13.43
C ILE B 84 28.24 9.21 14.37
N GLY B 85 28.78 9.75 15.45
CA GLY B 85 27.95 10.43 16.43
C GLY B 85 27.66 11.91 16.18
N SER B 86 27.83 12.37 14.95
CA SER B 86 27.58 13.79 14.66
C SER B 86 26.71 13.92 13.43
N ALA B 87 26.11 15.08 13.27
CA ALA B 87 25.32 15.36 12.08
C ALA B 87 26.27 15.61 10.91
N ASN B 88 25.79 15.42 9.69
CA ASN B 88 26.61 15.75 8.53
C ASN B 88 26.52 17.25 8.26
N THR B 89 27.53 17.99 8.68
CA THR B 89 27.54 19.43 8.47
C THR B 89 28.89 19.86 7.95
N LEU B 90 28.94 21.07 7.41
CA LEU B 90 30.19 21.56 6.87
C LEU B 90 31.27 21.58 7.93
N SER B 91 30.87 21.76 9.18
CA SER B 91 31.84 21.85 10.27
C SER B 91 32.24 20.48 10.83
N THR B 92 31.48 19.43 10.51
CA THR B 92 31.76 18.10 11.04
C THR B 92 32.18 17.04 10.01
N SER B 93 31.95 17.32 8.72
CA SER B 93 32.14 16.35 7.66
C SER B 93 33.35 16.70 6.80
N GLU B 94 34.14 15.71 6.44
CA GLU B 94 35.36 15.94 5.70
C GLU B 94 35.14 15.57 4.24
N MET B 95 35.48 16.44 3.32
CA MET B 95 35.41 16.10 1.91
C MET B 95 36.54 15.20 1.54
N ILE B 96 36.26 14.18 0.74
CA ILE B 96 37.29 13.23 0.33
C ILE B 96 37.55 13.37 -1.16
N LEU B 97 36.60 12.99 -2.00
CA LEU B 97 36.76 13.09 -3.46
C LEU B 97 35.42 13.32 -4.19
N PRO B 98 35.45 14.01 -5.34
CA PRO B 98 34.25 14.03 -6.17
C PRO B 98 33.89 12.61 -6.58
N GLY B 99 32.59 12.35 -6.71
CA GLY B 99 32.13 11.02 -7.07
C GLY B 99 30.64 10.83 -6.84
N ARG B 100 30.10 9.77 -7.41
CA ARG B 100 28.70 9.51 -7.25
C ARG B 100 28.40 8.16 -6.61
N SER B 101 29.41 7.30 -6.48
CA SER B 101 29.26 6.12 -5.66
C SER B 101 30.60 5.82 -5.01
N SER B 102 30.59 5.00 -3.96
CA SER B 102 31.81 4.82 -3.24
C SER B 102 31.85 3.51 -2.47
N SER B 103 33.03 3.16 -1.99
CA SER B 103 33.18 2.11 -0.96
C SER B 103 34.40 2.54 -0.16
N ALA B 104 34.53 2.07 1.08
CA ALA B 104 35.65 2.44 1.92
C ALA B 104 35.87 1.36 2.96
N CYS B 105 37.11 1.11 3.31
CA CYS B 105 37.43 0.10 4.32
C CYS B 105 38.80 0.37 4.88
N PHE B 106 38.98 0.01 6.14
CA PHE B 106 40.25 0.24 6.83
C PHE B 106 40.94 -1.11 6.98
N ASP B 107 42.24 -1.19 6.67
CA ASP B 107 42.88 -2.52 6.64
C ASP B 107 43.74 -2.83 7.88
N GLY B 108 43.62 -2.03 8.93
CA GLY B 108 44.52 -2.13 10.07
C GLY B 108 45.51 -0.97 10.14
N LEU B 109 45.88 -0.43 8.97
CA LEU B 109 46.85 0.66 8.90
C LEU B 109 46.28 1.97 8.34
N LYS B 110 45.58 1.89 7.21
CA LYS B 110 45.04 3.07 6.53
C LYS B 110 43.72 2.79 5.83
N TRP B 111 43.04 3.87 5.48
CA TRP B 111 41.77 3.79 4.79
C TRP B 111 42.01 3.55 3.31
N THR B 112 41.31 2.58 2.74
CA THR B 112 41.20 2.47 1.29
C THR B 112 39.85 3.08 0.93
N VAL B 113 39.85 4.05 0.03
CA VAL B 113 38.61 4.66 -0.41
C VAL B 113 38.50 4.58 -1.93
N LEU B 114 37.32 4.21 -2.44
CA LEU B 114 37.06 4.13 -3.85
C LEU B 114 35.91 5.04 -4.19
N VAL B 115 36.05 5.83 -5.25
CA VAL B 115 34.90 6.57 -5.77
C VAL B 115 34.77 6.39 -7.29
N SER B 116 33.54 6.44 -7.79
CA SER B 116 33.32 6.44 -9.23
C SER B 116 32.96 7.83 -9.71
N ASN B 117 33.43 8.20 -10.89
CA ASN B 117 33.05 9.47 -11.47
C ASN B 117 33.11 9.37 -12.99
N GLY B 118 32.72 10.44 -13.68
CA GLY B 118 32.71 10.41 -15.14
C GLY B 118 31.38 9.85 -15.61
N ARG B 119 31.24 9.71 -16.93
CA ARG B 119 30.04 9.16 -17.53
C ARG B 119 30.36 8.08 -18.61
N ASP B 120 29.49 7.06 -18.66
CA ASP B 120 29.52 6.11 -19.76
C ASP B 120 30.88 5.44 -19.92
N ARG B 121 31.38 5.42 -21.15
CA ARG B 121 32.62 4.72 -21.45
C ARG B 121 33.81 5.43 -20.84
N ASN B 122 33.59 6.69 -20.46
CA ASN B 122 34.64 7.41 -19.75
C ASN B 122 34.50 7.35 -18.21
N SER B 123 33.49 6.64 -17.70
CA SER B 123 33.33 6.47 -16.23
C SER B 123 34.60 5.82 -15.74
N PHE B 124 35.05 6.14 -14.53
CA PHE B 124 36.27 5.53 -14.00
C PHE B 124 36.14 5.49 -12.50
N ILE B 125 37.02 4.73 -11.89
CA ILE B 125 37.07 4.64 -10.46
C ILE B 125 38.45 5.06 -10.06
N MET B 126 38.51 5.78 -8.95
CA MET B 126 39.74 6.26 -8.37
C MET B 126 39.83 5.69 -6.96
N ILE B 127 41.05 5.34 -6.56
CA ILE B 127 41.32 4.70 -5.28
C ILE B 127 42.33 5.51 -4.52
N LYS B 128 42.04 5.80 -3.26
CA LYS B 128 43.03 6.39 -2.35
C LYS B 128 43.41 5.41 -1.27
N TYR B 129 44.67 5.47 -0.86
CA TYR B 129 45.14 4.72 0.29
C TYR B 129 45.80 5.75 1.19
N GLY B 130 45.22 5.96 2.36
CA GLY B 130 45.54 7.09 3.21
C GLY B 130 45.37 8.39 2.46
N GLU B 131 46.45 9.14 2.41
CA GLU B 131 46.44 10.53 1.96
C GLU B 131 46.58 10.60 0.43
N GLU B 132 46.83 9.46 -0.20
CA GLU B 132 47.35 9.44 -1.55
C GLU B 132 46.45 8.69 -2.53
N ILE B 133 46.31 9.24 -3.73
CA ILE B 133 45.54 8.56 -4.76
C ILE B 133 46.46 7.53 -5.35
N THR B 134 46.07 6.27 -5.34
CA THR B 134 47.00 5.18 -5.63
C THR B 134 46.68 4.39 -6.90
N ASP B 135 45.48 4.50 -7.42
CA ASP B 135 45.17 3.73 -8.60
C ASP B 135 43.91 4.21 -9.24
N THR B 136 43.72 3.84 -10.51
CA THR B 136 42.49 4.15 -11.22
C THR B 136 42.22 3.04 -12.21
N PHE B 137 40.98 2.95 -12.65
CA PHE B 137 40.64 2.11 -13.79
C PHE B 137 39.34 2.61 -14.38
N SER B 138 39.10 2.27 -15.65
CA SER B 138 38.00 2.83 -16.42
C SER B 138 37.01 1.75 -16.78
N ALA B 139 35.80 2.14 -17.22
CA ALA B 139 34.76 1.18 -17.54
C ALA B 139 35.23 0.23 -18.63
N SER B 140 34.74 -1.00 -18.62
CA SER B 140 35.14 -1.94 -19.67
C SER B 140 33.91 -2.41 -20.44
N ARG B 141 32.72 -2.10 -19.93
CA ARG B 141 31.48 -2.61 -20.52
C ARG B 141 30.50 -1.50 -20.76
N GLY B 142 31.02 -0.29 -20.97
CA GLY B 142 30.17 0.78 -21.41
C GLY B 142 29.77 1.72 -20.30
N GLY B 143 30.05 1.33 -19.06
CA GLY B 143 29.70 2.17 -17.95
C GLY B 143 28.21 2.22 -17.67
N PRO B 144 27.83 3.00 -16.65
CA PRO B 144 28.75 3.62 -15.68
C PRO B 144 29.37 2.57 -14.74
N LEU B 145 30.64 2.70 -14.36
CA LEU B 145 31.18 1.92 -13.24
C LEU B 145 30.51 2.33 -11.96
N ARG B 146 30.11 1.35 -11.14
CA ARG B 146 29.31 1.59 -9.92
C ARG B 146 29.90 0.85 -8.73
N LEU B 147 30.12 1.59 -7.65
CA LEU B 147 30.56 0.95 -6.41
C LEU B 147 29.32 0.75 -5.59
N PRO B 148 29.39 -0.12 -4.58
CA PRO B 148 28.17 -0.56 -3.91
C PRO B 148 27.63 0.32 -2.79
N ASN B 149 28.33 1.36 -2.38
CA ASN B 149 27.88 2.21 -1.29
C ASN B 149 27.66 1.40 -0.02
N SER B 150 28.66 0.59 0.29
CA SER B 150 28.72 -0.16 1.55
C SER B 150 30.20 -0.44 1.73
N GLU B 151 30.65 -0.84 2.91
CA GLU B 151 32.09 -0.87 3.12
C GLU B 151 32.69 -2.05 2.37
N CYS B 152 33.94 -1.89 1.96
CA CYS B 152 34.63 -2.99 1.34
C CYS B 152 35.17 -3.86 2.49
N ILE B 153 35.74 -5.01 2.16
CA ILE B 153 36.14 -5.98 3.18
C ILE B 153 37.63 -6.22 3.11
N CYS B 154 38.31 -5.95 4.20
CA CYS B 154 39.75 -6.17 4.27
C CYS B 154 40.04 -7.38 5.12
N VAL B 155 40.82 -8.31 4.58
CA VAL B 155 41.27 -9.48 5.29
C VAL B 155 42.77 -9.60 5.09
N GLU B 156 43.53 -9.54 6.19
CA GLU B 156 44.97 -9.75 6.18
C GLU B 156 45.66 -8.88 5.14
N GLY B 157 45.31 -7.61 5.10
CA GLY B 157 46.08 -6.67 4.29
C GLY B 157 45.54 -6.53 2.87
N SER B 158 44.59 -7.39 2.51
CA SER B 158 44.00 -7.31 1.17
C SER B 158 42.59 -6.83 1.32
N CYS B 159 42.12 -5.96 0.43
CA CYS B 159 40.76 -5.46 0.51
C CYS B 159 39.97 -5.82 -0.75
N PHE B 160 38.73 -6.21 -0.56
CA PHE B 160 37.92 -6.78 -1.63
C PHE B 160 36.67 -5.94 -1.81
N VAL B 161 36.35 -5.57 -3.04
CA VAL B 161 35.18 -4.73 -3.32
C VAL B 161 34.49 -5.21 -4.56
N LEU B 162 33.17 -5.11 -4.59
CA LEU B 162 32.42 -5.47 -5.78
C LEU B 162 32.17 -4.25 -6.64
N VAL B 163 32.42 -4.40 -7.92
CA VAL B 163 32.30 -3.29 -8.84
C VAL B 163 31.38 -3.72 -9.96
N SER B 164 30.41 -2.89 -10.32
CA SER B 164 29.49 -3.24 -11.40
C SER B 164 29.66 -2.32 -12.60
N ASP B 165 29.30 -2.82 -13.78
CA ASP B 165 29.52 -2.08 -15.04
C ASP B 165 28.37 -2.53 -15.95
N GLY B 166 28.15 -1.79 -17.02
CA GLY B 166 27.13 -2.13 -18.00
C GLY B 166 25.98 -1.17 -17.89
N PRO B 167 25.38 -0.77 -19.02
CA PRO B 167 24.36 0.29 -18.93
C PRO B 167 22.96 -0.22 -18.63
N ASN B 168 22.74 -1.50 -18.77
CA ASN B 168 21.40 -2.05 -18.59
C ASN B 168 21.39 -3.11 -17.53
N VAL B 169 20.36 -3.15 -16.68
CA VAL B 169 20.28 -4.14 -15.62
C VAL B 169 20.11 -5.54 -16.16
N ASN B 170 19.56 -5.67 -17.37
CA ASN B 170 19.36 -6.99 -17.94
C ASN B 170 20.66 -7.49 -18.55
N GLN B 171 21.69 -6.64 -18.51
CA GLN B 171 22.99 -7.10 -18.96
C GLN B 171 24.13 -6.49 -18.14
N SER B 172 24.10 -6.68 -16.82
CA SER B 172 25.06 -6.05 -15.96
C SER B 172 26.26 -6.98 -15.84
N VAL B 173 27.42 -6.44 -15.54
CA VAL B 173 28.62 -7.24 -15.30
C VAL B 173 29.17 -6.89 -13.92
N HIS B 174 29.67 -7.87 -13.19
CA HIS B 174 30.09 -7.65 -11.82
C HIS B 174 31.43 -8.34 -11.64
N ARG B 175 32.34 -7.64 -10.98
CA ARG B 175 33.69 -8.15 -10.75
C ARG B 175 33.98 -7.95 -9.28
N ILE B 176 34.74 -8.86 -8.71
CA ILE B 176 35.41 -8.65 -7.42
C ILE B 176 36.82 -8.13 -7.67
N TYR B 177 37.15 -6.95 -7.13
CA TYR B 177 38.51 -6.45 -7.20
C TYR B 177 39.25 -6.72 -5.91
N GLU B 178 40.47 -7.21 -6.03
CA GLU B 178 41.35 -7.35 -4.87
C GLU B 178 42.42 -6.24 -4.85
N LEU B 179 42.48 -5.52 -3.73
CA LEU B 179 43.41 -4.43 -3.57
C LEU B 179 44.37 -4.67 -2.43
N GLN B 180 45.54 -4.07 -2.56
CA GLN B 180 46.47 -4.02 -1.47
C GLN B 180 47.13 -2.65 -1.54
N ASN B 181 47.12 -1.93 -0.42
CA ASN B 181 47.67 -0.58 -0.37
C ASN B 181 47.04 0.27 -1.46
N GLY B 182 45.76 0.09 -1.71
CA GLY B 182 45.06 0.95 -2.64
C GLY B 182 45.41 0.67 -4.09
N THR B 183 46.12 -0.42 -4.37
CA THR B 183 46.38 -0.75 -5.78
C THR B 183 45.74 -2.09 -6.13
N VAL B 184 45.22 -2.18 -7.35
CA VAL B 184 44.53 -3.39 -7.79
C VAL B 184 45.53 -4.48 -8.03
N GLN B 185 45.35 -5.63 -7.39
CA GLN B 185 46.26 -6.77 -7.55
C GLN B 185 45.70 -7.66 -8.63
N ARG B 186 44.39 -7.84 -8.60
CA ARG B 186 43.71 -8.65 -9.59
C ARG B 186 42.22 -8.49 -9.38
N TRP B 187 41.46 -9.05 -10.31
CA TRP B 187 40.03 -9.09 -10.21
C TRP B 187 39.50 -10.35 -10.83
N LYS B 188 38.24 -10.63 -10.54
CA LYS B 188 37.57 -11.79 -11.05
C LYS B 188 36.17 -11.40 -11.43
N GLN B 189 35.84 -11.60 -12.69
CA GLN B 189 34.50 -11.35 -13.18
C GLN B 189 33.61 -12.53 -12.82
N LEU B 190 32.45 -12.24 -12.26
CA LEU B 190 31.54 -13.30 -11.86
C LEU B 190 30.63 -13.68 -13.01
N ASN B 191 30.22 -14.96 -13.04
CA ASN B 191 29.18 -15.38 -13.93
C ASN B 191 27.83 -15.11 -13.30
N THR B 192 27.20 -14.03 -13.71
CA THR B 192 25.90 -13.62 -13.18
C THR B 192 24.78 -13.65 -14.26
N THR B 193 24.96 -14.48 -15.29
CA THR B 193 23.97 -14.53 -16.37
C THR B 193 22.60 -14.88 -15.82
N GLY B 194 21.58 -14.11 -16.19
CA GLY B 194 20.22 -14.36 -15.79
C GLY B 194 19.80 -13.59 -14.53
N ILE B 195 20.74 -12.92 -13.88
CA ILE B 195 20.44 -12.09 -12.71
C ILE B 195 21.13 -10.75 -12.84
N ASN B 196 20.86 -9.88 -11.86
CA ASN B 196 21.50 -8.60 -11.68
C ASN B 196 21.91 -8.52 -10.21
N PHE B 197 23.07 -7.94 -9.91
CA PHE B 197 23.65 -7.99 -8.56
C PHE B 197 24.23 -6.62 -8.16
N GLU B 198 23.36 -5.66 -7.87
CA GLU B 198 23.80 -4.30 -7.51
C GLU B 198 23.87 -4.11 -5.99
N TYR B 199 24.48 -3.01 -5.53
CA TYR B 199 24.39 -2.59 -4.12
C TYR B 199 24.88 -3.67 -3.16
N SER B 200 25.90 -4.40 -3.57
CA SER B 200 26.51 -5.44 -2.77
C SER B 200 26.87 -4.93 -1.36
N THR B 201 26.43 -5.64 -0.34
CA THR B 201 26.82 -5.30 1.02
C THR B 201 27.33 -6.57 1.70
N CYS B 202 28.51 -6.47 2.29
CA CYS B 202 29.26 -7.65 2.64
C CYS B 202 29.74 -7.60 4.09
N TYR B 203 30.06 -8.78 4.61
CA TYR B 203 30.79 -8.91 5.87
C TYR B 203 31.68 -10.13 5.75
N THR B 204 32.59 -10.31 6.68
CA THR B 204 33.45 -11.48 6.63
C THR B 204 33.36 -12.25 7.97
N ILE B 205 33.30 -13.56 7.88
CA ILE B 205 33.38 -14.46 9.07
C ILE B 205 34.20 -15.67 8.64
N ASN B 206 35.20 -16.02 9.45
CA ASN B 206 36.06 -17.19 9.21
C ASN B 206 36.72 -17.23 7.84
N ASN B 207 37.19 -16.07 7.39
CA ASN B 207 37.92 -15.99 6.13
C ASN B 207 37.06 -16.33 4.91
N LEU B 208 35.75 -16.22 5.08
CA LEU B 208 34.85 -16.18 3.96
C LEU B 208 34.31 -14.76 3.93
N ILE B 209 34.04 -14.29 2.73
CA ILE B 209 33.34 -13.04 2.57
C ILE B 209 31.97 -13.36 1.98
N LYS B 210 30.95 -12.79 2.59
CA LYS B 210 29.61 -12.99 2.15
C LYS B 210 28.95 -11.65 1.86
N CYS B 211 28.24 -11.56 0.73
CA CYS B 211 27.60 -10.30 0.33
C CYS B 211 26.19 -10.58 -0.08
N THR B 212 25.30 -9.65 0.22
CA THR B 212 23.93 -9.69 -0.27
C THR B 212 23.79 -8.67 -1.40
N GLY B 213 23.18 -9.10 -2.49
CA GLY B 213 22.94 -8.23 -3.64
C GLY B 213 21.51 -7.75 -3.75
N THR B 214 21.30 -6.78 -4.62
CA THR B 214 19.97 -6.36 -5.00
C THR B 214 19.82 -6.59 -6.48
N ASN B 215 18.80 -7.35 -6.86
CA ASN B 215 18.49 -7.60 -8.26
C ASN B 215 17.47 -6.56 -8.73
N LEU B 216 17.92 -5.61 -9.53
CA LEU B 216 17.08 -4.55 -10.02
C LEU B 216 16.32 -4.91 -11.31
N TRP B 217 16.49 -6.13 -11.77
CA TRP B 217 16.00 -6.58 -13.07
C TRP B 217 14.80 -7.50 -12.94
N ASN B 218 14.99 -8.65 -12.32
CA ASN B 218 13.98 -9.70 -12.38
C ASN B 218 13.86 -10.57 -11.12
N ASP B 219 14.13 -10.01 -9.96
CA ASP B 219 13.99 -10.80 -8.74
C ASP B 219 13.68 -9.91 -7.55
N ALA B 220 12.72 -10.36 -6.73
CA ALA B 220 12.36 -9.76 -5.48
C ALA B 220 13.02 -10.49 -4.33
N LYS B 221 13.54 -11.67 -4.58
CA LYS B 221 14.47 -12.26 -3.64
C LYS B 221 15.80 -11.56 -3.83
N ARG B 222 16.66 -11.61 -2.81
CA ARG B 222 18.03 -11.07 -2.98
C ARG B 222 19.05 -12.13 -3.29
N PRO B 223 19.76 -12.01 -4.43
CA PRO B 223 20.88 -12.93 -4.64
C PRO B 223 21.99 -12.81 -3.59
N LEU B 224 22.65 -13.92 -3.33
CA LEU B 224 23.70 -14.00 -2.33
C LEU B 224 25.02 -14.45 -2.92
N LEU B 225 26.11 -13.84 -2.47
CA LEU B 225 27.46 -14.20 -2.89
C LEU B 225 28.28 -14.69 -1.72
N ARG B 226 29.06 -15.73 -1.97
CA ARG B 226 30.07 -16.18 -1.03
C ARG B 226 31.39 -16.30 -1.76
N PHE B 227 32.46 -15.76 -1.19
CA PHE B 227 33.77 -15.89 -1.83
C PHE B 227 34.91 -15.92 -0.85
N THR B 228 36.05 -16.37 -1.36
CA THR B 228 37.23 -16.56 -0.57
C THR B 228 38.36 -15.61 -0.99
N LYS B 229 39.43 -15.59 -0.22
CA LYS B 229 40.53 -14.69 -0.50
C LYS B 229 41.26 -15.12 -1.79
N ASP B 230 40.96 -16.32 -2.29
CA ASP B 230 41.48 -16.79 -3.58
C ASP B 230 40.54 -16.45 -4.74
N LEU B 231 39.47 -15.73 -4.43
CA LEU B 231 38.48 -15.37 -5.43
C LEU B 231 37.73 -16.56 -6.03
N ASN B 232 37.70 -17.69 -5.34
CA ASN B 232 36.66 -18.67 -5.64
C ASN B 232 35.34 -18.18 -5.07
N TYR B 233 34.24 -18.49 -5.75
CA TYR B 233 32.95 -17.96 -5.35
C TYR B 233 31.80 -18.89 -5.71
N GLN B 234 30.66 -18.57 -5.11
CA GLN B 234 29.40 -19.24 -5.34
C GLN B 234 28.34 -18.15 -5.21
N ILE B 235 27.38 -18.13 -6.13
CA ILE B 235 26.21 -17.26 -6.01
C ILE B 235 25.00 -18.15 -5.77
N VAL B 236 24.21 -17.87 -4.74
CA VAL B 236 23.02 -18.66 -4.47
C VAL B 236 21.79 -17.79 -4.30
N GLU B 237 20.63 -18.44 -4.35
CA GLU B 237 19.32 -17.83 -4.24
C GLU B 237 18.71 -18.28 -2.95
N PRO B 238 18.08 -17.37 -2.19
CA PRO B 238 17.39 -17.88 -0.99
C PRO B 238 16.33 -18.92 -1.37
N CYS B 239 16.13 -19.91 -0.53
CA CYS B 239 15.24 -21.03 -0.89
C CYS B 239 13.91 -20.98 -0.09
N ASN B 240 13.64 -19.84 0.54
CA ASN B 240 12.40 -19.68 1.31
C ASN B 240 11.33 -19.12 0.37
N GLY B 241 10.18 -18.70 0.90
CA GLY B 241 9.12 -18.18 0.05
C GLY B 241 8.73 -16.75 0.40
N ALA B 242 9.61 -16.07 1.13
CA ALA B 242 9.38 -14.71 1.55
C ALA B 242 10.50 -13.79 1.01
N PRO B 243 10.26 -13.16 -0.15
CA PRO B 243 11.22 -12.22 -0.74
C PRO B 243 11.47 -11.03 0.18
N THR B 244 12.63 -10.39 0.05
CA THR B 244 13.00 -9.32 0.96
C THR B 244 13.36 -7.99 0.30
N ASP B 245 13.35 -7.93 -1.03
CA ASP B 245 13.58 -6.67 -1.73
C ASP B 245 12.36 -5.78 -1.54
N PHE B 246 12.50 -4.51 -1.90
CA PHE B 246 11.34 -3.63 -2.02
C PHE B 246 11.52 -2.87 -3.33
N PRO B 247 10.56 -2.95 -4.26
CA PRO B 247 9.26 -3.63 -4.18
C PRO B 247 9.34 -5.16 -4.21
N ARG B 248 8.23 -5.81 -3.90
CA ARG B 248 8.13 -7.24 -4.00
C ARG B 248 6.66 -7.64 -4.01
N GLY B 249 6.39 -8.88 -4.34
CA GLY B 249 5.06 -9.45 -4.23
C GLY B 249 4.89 -10.11 -2.89
N GLY B 250 3.94 -11.04 -2.79
CA GLY B 250 3.61 -11.63 -1.52
C GLY B 250 4.33 -12.94 -1.36
N LEU B 251 3.95 -13.67 -0.32
CA LEU B 251 4.56 -14.93 -0.02
C LEU B 251 4.31 -15.93 -1.13
N THR B 252 5.30 -16.79 -1.36
CA THR B 252 5.14 -17.90 -2.26
C THR B 252 5.49 -19.17 -1.52
N THR B 253 5.26 -20.29 -2.19
CA THR B 253 5.75 -21.60 -1.76
C THR B 253 7.26 -21.61 -1.75
N PRO B 254 7.85 -22.05 -0.63
CA PRO B 254 9.31 -22.06 -0.56
C PRO B 254 9.94 -22.86 -1.68
N SER B 255 10.97 -22.31 -2.28
CA SER B 255 11.69 -23.05 -3.31
C SER B 255 12.91 -22.24 -3.65
N CYS B 256 13.78 -22.82 -4.46
CA CYS B 256 14.98 -22.09 -4.84
C CYS B 256 14.74 -21.21 -6.08
N LYS B 257 13.51 -21.12 -6.57
CA LYS B 257 13.19 -20.28 -7.74
C LYS B 257 13.27 -18.78 -7.38
N MET B 258 13.67 -17.95 -8.34
CA MET B 258 13.63 -16.50 -8.19
C MET B 258 12.19 -16.04 -7.99
N ALA B 259 11.97 -14.93 -7.29
CA ALA B 259 10.63 -14.36 -7.16
C ALA B 259 10.51 -13.28 -8.18
N GLN B 260 9.89 -13.63 -9.30
CA GLN B 260 9.86 -12.77 -10.48
C GLN B 260 8.82 -11.68 -10.33
N GLU B 261 7.77 -11.96 -9.56
CA GLU B 261 6.74 -10.96 -9.32
C GLU B 261 7.30 -9.68 -8.67
N LYS B 262 7.00 -8.56 -9.29
CA LYS B 262 7.54 -7.26 -8.87
C LYS B 262 9.05 -7.28 -8.66
N GLY B 263 9.73 -8.06 -9.51
CA GLY B 263 11.18 -8.22 -9.43
C GLY B 263 11.95 -6.99 -9.91
N GLU B 264 11.34 -6.22 -10.79
CA GLU B 264 12.01 -5.03 -11.32
C GLU B 264 12.13 -3.97 -10.23
N GLY B 265 13.24 -3.23 -10.23
CA GLY B 265 13.53 -2.33 -9.12
C GLY B 265 14.06 -3.06 -7.89
N GLY B 266 14.36 -2.29 -6.85
CA GLY B 266 14.85 -2.84 -5.61
C GLY B 266 15.58 -1.77 -4.82
N ILE B 267 16.06 -2.14 -3.65
CA ILE B 267 16.70 -1.20 -2.75
C ILE B 267 17.74 -2.01 -2.01
N GLN B 268 18.85 -1.39 -1.68
CA GLN B 268 19.96 -2.08 -1.05
C GLN B 268 19.52 -2.69 0.29
N GLY B 269 19.90 -3.94 0.51
CA GLY B 269 19.60 -4.58 1.77
C GLY B 269 20.42 -5.84 1.95
N PHE B 270 20.18 -6.57 3.05
CA PHE B 270 21.15 -7.55 3.52
C PHE B 270 20.50 -8.81 4.06
N ILE B 271 21.21 -9.93 3.93
CA ILE B 271 20.87 -11.19 4.58
C ILE B 271 22.10 -11.72 5.30
N LEU B 272 21.96 -12.01 6.59
CA LEU B 272 23.03 -12.67 7.30
C LEU B 272 22.98 -14.15 6.89
N ASP B 273 23.95 -14.53 6.08
CA ASP B 273 23.98 -15.83 5.40
C ASP B 273 24.77 -16.81 6.26
N GLU B 274 24.22 -17.15 7.41
CA GLU B 274 24.88 -18.05 8.36
C GLU B 274 23.86 -19.11 8.78
N LYS B 275 24.19 -19.90 9.78
CA LYS B 275 23.21 -20.79 10.40
C LYS B 275 23.33 -20.55 11.87
N PRO B 276 22.36 -19.84 12.46
CA PRO B 276 21.14 -19.33 11.82
C PRO B 276 21.34 -18.16 10.85
N ALA B 277 20.46 -18.07 9.87
CA ALA B 277 20.42 -16.94 8.95
C ALA B 277 19.48 -15.93 9.51
N TRP B 278 19.63 -14.68 9.12
CA TRP B 278 18.67 -13.64 9.42
C TRP B 278 18.34 -12.87 8.17
N THR B 279 17.06 -12.75 7.87
CA THR B 279 16.59 -11.89 6.80
C THR B 279 16.04 -10.59 7.35
N SER B 280 15.86 -9.63 6.46
CA SER B 280 15.47 -8.30 6.86
C SER B 280 14.72 -7.66 5.72
N LYS B 281 13.64 -6.99 6.05
CA LYS B 281 12.80 -6.37 5.00
C LYS B 281 11.82 -5.39 5.61
N THR B 282 11.14 -4.62 4.76
CA THR B 282 10.06 -3.78 5.22
C THR B 282 8.94 -4.67 5.80
N LYS B 283 8.09 -4.06 6.61
CA LYS B 283 7.09 -4.84 7.33
C LYS B 283 6.19 -5.52 6.33
N THR B 284 5.73 -4.78 5.32
CA THR B 284 4.93 -5.39 4.24
C THR B 284 5.33 -4.86 2.87
N GLU B 285 4.76 -5.45 1.83
CA GLU B 285 5.04 -5.00 0.47
C GLU B 285 4.25 -3.76 0.08
N LEU B 286 3.40 -3.26 0.97
CA LEU B 286 2.51 -2.16 0.66
C LEU B 286 3.14 -0.81 0.90
N SER B 287 4.19 -0.77 1.69
CA SER B 287 4.89 0.48 1.91
C SER B 287 6.24 0.20 2.55
N GLN B 288 7.02 1.24 2.72
CA GLN B 288 8.35 1.14 3.27
C GLN B 288 8.39 1.40 4.78
N ASN B 289 7.24 1.37 5.43
CA ASN B 289 7.22 1.45 6.89
C ASN B 289 7.77 0.22 7.60
N GLY B 290 8.55 0.44 8.64
CA GLY B 290 8.90 -0.64 9.55
C GLY B 290 10.03 -1.45 8.96
N PHE B 291 10.62 -2.31 9.78
CA PHE B 291 11.71 -3.14 9.38
C PHE B 291 11.55 -4.39 10.21
N VAL B 292 11.56 -5.56 9.56
CA VAL B 292 11.41 -6.84 10.23
C VAL B 292 12.66 -7.68 10.04
N LEU B 293 13.12 -8.30 11.13
CA LEU B 293 14.23 -9.25 11.13
C LEU B 293 13.69 -10.62 11.48
N GLU B 294 14.10 -11.62 10.71
CA GLU B 294 13.68 -13.00 10.96
C GLU B 294 14.85 -13.92 11.01
N GLN B 295 14.88 -14.75 12.04
CA GLN B 295 15.94 -15.77 12.23
C GLN B 295 15.49 -17.12 11.67
N ILE B 296 16.33 -17.75 10.86
CA ILE B 296 16.00 -18.99 10.20
C ILE B 296 17.08 -19.97 10.57
N PRO B 297 16.81 -20.84 11.55
CA PRO B 297 17.81 -21.76 12.07
C PRO B 297 18.53 -22.61 11.03
N ASP B 298 17.84 -23.14 10.02
CA ASP B 298 18.56 -24.00 9.11
C ASP B 298 19.28 -23.28 7.97
N GLY B 299 19.31 -21.96 7.98
CA GLY B 299 20.02 -21.22 6.93
C GLY B 299 19.20 -20.83 5.73
N ILE B 300 19.76 -19.93 4.92
CA ILE B 300 18.99 -19.29 3.86
C ILE B 300 18.71 -20.25 2.69
N GLU B 301 19.42 -21.36 2.63
CA GLU B 301 19.13 -22.34 1.60
C GLU B 301 18.11 -23.42 2.08
N SER B 302 17.58 -23.26 3.28
CA SER B 302 16.56 -24.22 3.77
C SER B 302 15.19 -23.71 3.36
N GLU B 303 14.12 -24.40 3.74
CA GLU B 303 12.77 -23.96 3.37
C GLU B 303 12.40 -22.65 4.05
N GLY B 304 13.18 -22.23 5.03
CA GLY B 304 12.99 -20.91 5.60
C GLY B 304 12.16 -20.77 6.85
N THR B 305 12.02 -21.84 7.62
CA THR B 305 11.22 -21.77 8.84
C THR B 305 11.81 -20.79 9.84
N VAL B 306 10.97 -19.87 10.32
CA VAL B 306 11.40 -18.80 11.22
C VAL B 306 11.21 -19.14 12.68
N SER B 307 12.23 -18.87 13.50
CA SER B 307 12.19 -19.19 14.94
C SER B 307 11.97 -17.97 15.83
N LEU B 308 12.25 -16.81 15.30
CA LEU B 308 12.29 -15.59 16.10
C LEU B 308 12.17 -14.43 15.13
N SER B 309 11.32 -13.46 15.43
CA SER B 309 11.22 -12.29 14.57
C SER B 309 11.21 -11.01 15.40
N TYR B 310 11.79 -9.94 14.85
CA TYR B 310 11.68 -8.62 15.42
C TYR B 310 10.88 -7.73 14.50
N GLU B 311 10.15 -6.79 15.08
CA GLU B 311 9.55 -5.68 14.34
C GLU B 311 10.06 -4.37 14.92
N LEU B 312 10.57 -3.51 14.05
CA LEU B 312 11.19 -2.23 14.42
C LEU B 312 10.59 -1.06 13.65
N PHE B 313 10.61 0.13 14.22
CA PHE B 313 10.29 1.34 13.50
C PHE B 313 8.93 1.23 12.82
N SER B 314 7.91 0.71 13.49
CA SER B 314 6.72 0.29 12.76
C SER B 314 6.03 1.44 12.02
N ASN B 315 6.09 2.66 12.54
CA ASN B 315 5.55 3.77 11.74
C ASN B 315 6.56 4.75 11.15
N LYS B 316 7.77 4.27 10.91
CA LYS B 316 8.73 5.11 10.22
C LYS B 316 9.06 4.53 8.85
N ARG B 317 9.26 5.41 7.89
CA ARG B 317 9.69 4.98 6.59
C ARG B 317 11.15 4.56 6.68
N THR B 318 11.44 3.34 6.24
CA THR B 318 12.82 2.87 6.25
C THR B 318 13.33 2.73 4.82
N GLY B 319 14.65 2.67 4.68
CA GLY B 319 15.27 2.64 3.36
C GLY B 319 16.35 1.60 3.19
N ARG B 320 17.49 2.04 2.68
CA ARG B 320 18.60 1.17 2.36
C ARG B 320 19.10 0.59 3.65
N SER B 321 19.73 -0.57 3.61
CA SER B 321 20.41 -1.12 4.77
C SER B 321 21.59 -1.95 4.35
N GLY B 322 22.55 -2.10 5.24
CA GLY B 322 23.72 -2.91 4.91
C GLY B 322 24.58 -3.23 6.10
N PHE B 323 25.59 -4.08 5.89
CA PHE B 323 26.44 -4.53 6.98
C PHE B 323 27.59 -3.61 7.22
N PHE B 324 28.06 -3.60 8.46
CA PHE B 324 29.43 -3.13 8.77
C PHE B 324 29.95 -3.93 9.93
N GLN B 325 31.27 -3.92 10.09
CA GLN B 325 31.90 -4.64 11.17
C GLN B 325 32.87 -3.71 11.95
N PRO B 326 32.57 -3.46 13.22
CA PRO B 326 33.51 -2.81 14.14
C PRO B 326 34.81 -3.62 14.21
N LYS B 327 35.96 -2.97 14.43
CA LYS B 327 37.22 -3.71 14.50
C LYS B 327 37.67 -3.98 15.94
N GLY B 328 36.81 -3.63 16.90
CA GLY B 328 37.13 -3.80 18.31
C GLY B 328 36.82 -5.20 18.82
N GLU B 333 35.32 -12.60 21.14
CA GLU B 333 35.88 -13.84 20.63
C GLU B 333 35.25 -14.30 19.30
N CYS B 334 33.93 -14.22 19.20
CA CYS B 334 33.27 -14.37 17.91
C CYS B 334 33.47 -13.07 17.13
N GLN B 335 33.41 -13.13 15.81
CA GLN B 335 33.55 -11.90 15.02
C GLN B 335 32.21 -11.14 15.05
N ARG B 336 32.27 -9.85 15.26
CA ARG B 336 31.02 -9.10 15.38
C ARG B 336 30.50 -8.68 14.01
N VAL B 337 29.18 -8.58 13.87
CA VAL B 337 28.53 -8.12 12.64
C VAL B 337 27.45 -7.13 13.04
N CYS B 338 27.40 -5.99 12.33
CA CYS B 338 26.40 -4.96 12.57
C CYS B 338 25.74 -4.57 11.26
N PHE B 339 24.64 -3.83 11.33
CA PHE B 339 24.03 -3.25 10.14
C PHE B 339 23.63 -1.82 10.41
N TRP B 340 23.59 -1.07 9.32
CA TRP B 340 23.10 0.30 9.29
C TRP B 340 21.81 0.28 8.51
N LEU B 341 20.96 1.27 8.80
CA LEU B 341 19.62 1.34 8.25
C LEU B 341 19.19 2.80 8.08
N GLU B 342 18.73 3.17 6.90
CA GLU B 342 18.19 4.51 6.67
C GLU B 342 16.81 4.60 7.26
N ILE B 343 16.60 5.63 8.06
CA ILE B 343 15.32 5.92 8.69
C ILE B 343 14.94 7.36 8.32
N GLU B 344 13.71 7.54 7.83
CA GLU B 344 13.21 8.86 7.43
C GLU B 344 12.20 9.38 8.45
N ILE B 353 16.59 14.75 5.71
CA ILE B 353 15.81 14.40 6.91
C ILE B 353 15.91 12.88 7.16
N GLN B 354 16.74 12.24 6.33
CA GLN B 354 17.06 10.82 6.45
C GLN B 354 18.37 10.51 7.20
N GLU B 355 18.31 9.63 8.20
CA GLU B 355 19.50 9.34 9.01
C GLU B 355 19.76 7.85 9.14
N LEU B 356 21.01 7.48 9.39
CA LEU B 356 21.39 6.09 9.62
C LEU B 356 21.23 5.70 11.07
N SER B 357 20.56 4.59 11.31
CA SER B 357 20.66 3.92 12.59
C SER B 357 21.53 2.69 12.46
N THR B 358 22.05 2.22 13.59
CA THR B 358 22.85 1.02 13.57
C THR B 358 22.44 0.06 14.66
N PHE B 359 22.62 -1.21 14.33
CA PHE B 359 22.31 -2.33 15.20
C PHE B 359 23.45 -3.32 15.11
N CYS B 360 23.83 -3.91 16.24
CA CYS B 360 24.79 -4.99 16.21
C CYS B 360 24.25 -6.34 16.73
N GLY B 361 24.84 -7.40 16.18
CA GLY B 361 24.42 -8.76 16.45
C GLY B 361 25.00 -9.16 17.80
N ILE B 362 24.21 -9.93 18.54
CA ILE B 362 24.67 -10.54 19.80
C ILE B 362 25.02 -12.00 19.54
N ASN B 363 26.27 -12.37 19.80
CA ASN B 363 26.72 -13.75 19.57
C ASN B 363 26.56 -14.79 20.71
N SER B 364 26.77 -16.03 20.33
CA SER B 364 26.45 -17.21 21.12
C SER B 364 26.70 -17.16 22.65
N PRO B 365 27.97 -16.98 23.08
CA PRO B 365 28.16 -17.17 24.52
C PRO B 365 27.53 -16.10 25.42
N VAL B 366 27.04 -15.01 24.86
CA VAL B 366 26.61 -13.86 25.65
C VAL B 366 25.41 -14.15 26.55
N GLN B 367 25.51 -13.74 27.82
CA GLN B 367 24.36 -13.77 28.73
C GLN B 367 24.24 -12.48 29.55
N MET C 15 22.68 5.27 33.98
CA MET C 15 21.80 4.12 34.11
C MET C 15 21.88 3.20 32.87
N CYS C 16 21.06 2.14 32.83
CA CYS C 16 21.38 0.94 32.09
C CYS C 16 20.20 0.26 31.39
N GLU C 17 19.70 0.89 30.35
CA GLU C 17 18.50 0.41 29.66
C GLU C 17 18.65 -1.02 29.11
N VAL C 18 17.57 -1.78 29.17
CA VAL C 18 17.56 -3.12 28.59
C VAL C 18 17.14 -2.94 27.15
N LYS C 19 18.05 -3.23 26.24
CA LYS C 19 17.75 -2.99 24.83
C LYS C 19 17.47 -4.23 23.99
N GLY C 20 17.61 -5.41 24.59
CA GLY C 20 17.16 -6.63 23.94
C GLY C 20 17.24 -7.80 24.88
N TRP C 21 16.80 -8.95 24.41
CA TRP C 21 16.81 -10.18 25.17
C TRP C 21 17.34 -11.27 24.25
N VAL C 22 18.15 -12.17 24.80
CA VAL C 22 18.64 -13.32 24.05
C VAL C 22 18.52 -14.59 24.88
N PRO C 23 18.29 -15.73 24.23
CA PRO C 23 18.18 -17.02 24.91
C PRO C 23 19.52 -17.36 25.48
N THR C 24 19.52 -17.93 26.68
CA THR C 24 20.74 -18.29 27.38
C THR C 24 20.66 -19.72 27.95
N HIS C 25 19.49 -20.34 27.87
CA HIS C 25 19.37 -21.79 28.10
C HIS C 25 18.11 -22.41 27.45
N ARG C 26 18.27 -23.53 26.74
CA ARG C 26 17.12 -24.14 26.06
C ARG C 26 16.18 -24.84 27.06
N ASP C 37 12.61 -42.31 35.22
CA ASP C 37 13.23 -41.75 36.43
C ASP C 37 12.83 -40.29 36.65
N LEU C 38 12.04 -39.75 35.73
CA LEU C 38 11.80 -38.31 35.72
C LEU C 38 10.79 -37.89 36.77
N ILE C 39 11.02 -36.72 37.36
CA ILE C 39 10.11 -36.18 38.37
C ILE C 39 9.10 -35.21 37.76
N LEU C 40 7.85 -35.35 38.18
CA LEU C 40 6.76 -34.46 37.77
C LEU C 40 6.87 -33.14 38.54
N SER C 41 7.11 -32.04 37.83
CA SER C 41 7.30 -30.74 38.46
C SER C 41 6.25 -29.69 38.09
N ARG C 42 5.98 -28.80 39.04
CA ARG C 42 5.16 -27.65 38.78
C ARG C 42 5.70 -26.47 39.59
N ARG C 43 5.21 -25.28 39.27
CA ARG C 43 5.60 -24.08 39.98
C ARG C 43 7.10 -23.94 40.04
N ALA C 44 7.76 -24.22 38.92
CA ALA C 44 9.22 -24.09 38.83
C ALA C 44 9.65 -22.65 38.62
N TYR C 45 10.85 -22.31 39.09
CA TYR C 45 11.46 -21.01 38.85
C TYR C 45 12.97 -21.17 38.97
N VAL C 46 13.71 -20.14 38.58
CA VAL C 46 15.17 -20.24 38.59
C VAL C 46 15.73 -19.30 39.63
N SER C 47 16.82 -19.70 40.28
CA SER C 47 17.51 -18.79 41.20
C SER C 47 18.95 -19.23 41.26
N CYS C 48 19.86 -18.28 41.48
CA CYS C 48 21.28 -18.57 41.34
C CYS C 48 22.08 -18.18 42.58
N ASP C 49 23.16 -18.91 42.81
CA ASP C 49 24.17 -18.51 43.80
C ASP C 49 25.31 -17.83 43.03
N LEU C 50 26.48 -17.65 43.65
CA LEU C 50 27.56 -16.88 43.02
C LEU C 50 28.13 -17.55 41.78
N THR C 51 28.09 -18.88 41.76
CA THR C 51 28.70 -19.64 40.67
C THR C 51 27.71 -20.17 39.62
N SER C 52 26.61 -20.79 40.04
CA SER C 52 25.67 -21.42 39.09
C SER C 52 24.17 -21.21 39.42
N CYS C 53 23.29 -21.70 38.54
CA CYS C 53 21.86 -21.46 38.61
C CYS C 53 21.10 -22.75 38.80
N PHE C 54 19.98 -22.66 39.51
CA PHE C 54 19.20 -23.85 39.84
C PHE C 54 17.74 -23.65 39.48
N LYS C 55 17.05 -24.76 39.21
CA LYS C 55 15.62 -24.80 39.16
C LYS C 55 15.08 -25.31 40.50
N PHE C 56 14.20 -24.52 41.10
CA PHE C 56 13.46 -24.90 42.30
C PHE C 56 12.05 -25.22 41.81
N PHE C 57 11.44 -26.29 42.32
CA PHE C 57 10.09 -26.64 41.90
C PHE C 57 9.39 -27.51 42.88
N ILE C 58 8.07 -27.55 42.78
CA ILE C 58 7.27 -28.44 43.58
C ILE C 58 7.12 -29.75 42.80
N ALA C 59 7.54 -30.84 43.43
CA ALA C 59 7.42 -32.17 42.84
C ALA C 59 6.26 -32.86 43.52
N TYR C 60 5.33 -33.35 42.70
CA TYR C 60 4.13 -33.97 43.22
C TYR C 60 4.02 -35.42 42.80
N GLY C 61 5.07 -35.95 42.18
CA GLY C 61 5.04 -37.31 41.70
C GLY C 61 6.13 -37.71 40.72
N LEU C 62 5.82 -38.73 39.92
CA LEU C 62 6.82 -39.46 39.16
C LEU C 62 6.26 -39.94 37.83
N SER C 63 7.12 -39.96 36.81
CA SER C 63 6.67 -40.32 35.46
C SER C 63 6.12 -41.74 35.41
N GLU C 77 3.74 -33.57 48.28
CA GLU C 77 4.38 -32.53 47.47
C GLU C 77 5.54 -31.95 48.25
N SER C 78 6.65 -31.73 47.56
CA SER C 78 7.86 -31.25 48.21
C SER C 78 8.56 -30.29 47.28
N LEU C 79 9.34 -29.38 47.87
CA LEU C 79 10.20 -28.53 47.12
C LEU C 79 11.42 -29.32 46.80
N TYR C 80 11.82 -29.29 45.54
CA TYR C 80 13.04 -29.93 45.09
C TYR C 80 13.91 -28.86 44.43
N LYS C 81 15.17 -29.20 44.19
CA LYS C 81 16.09 -28.30 43.52
C LYS C 81 17.02 -29.09 42.57
N THR C 82 17.36 -28.52 41.42
CA THR C 82 18.14 -29.19 40.37
C THR C 82 19.03 -28.18 39.65
N PRO C 83 20.27 -28.56 39.33
CA PRO C 83 21.11 -27.65 38.53
C PRO C 83 20.46 -27.38 37.19
N ILE C 84 20.53 -26.15 36.71
CA ILE C 84 19.72 -25.77 35.55
C ILE C 84 20.04 -26.59 34.30
N GLY C 85 21.29 -27.04 34.19
CA GLY C 85 21.67 -27.91 33.09
C GLY C 85 21.01 -29.28 33.05
N SER C 86 20.46 -29.75 34.18
CA SER C 86 20.01 -31.15 34.30
C SER C 86 18.50 -31.30 34.23
N ALA C 87 18.05 -32.51 33.94
CA ALA C 87 16.63 -32.82 34.00
C ALA C 87 16.25 -33.00 35.47
N ASN C 88 14.97 -32.83 35.77
CA ASN C 88 14.51 -33.09 37.13
C ASN C 88 14.35 -34.59 37.34
N THR C 89 15.28 -35.21 38.05
CA THR C 89 15.21 -36.64 38.33
C THR C 89 15.64 -36.97 39.75
N LEU C 90 15.24 -38.13 40.23
CA LEU C 90 15.64 -38.56 41.56
C LEU C 90 17.13 -38.51 41.76
N SER C 91 17.87 -38.68 40.66
CA SER C 91 19.31 -38.81 40.75
C SER C 91 19.98 -37.44 40.58
N THR C 92 19.25 -36.47 40.05
CA THR C 92 19.80 -35.14 39.81
C THR C 92 19.20 -34.05 40.73
N SER C 93 18.06 -34.34 41.34
CA SER C 93 17.34 -33.32 42.10
C SER C 93 17.45 -33.56 43.62
N GLU C 94 17.56 -32.47 44.37
CA GLU C 94 17.66 -32.50 45.82
C GLU C 94 16.34 -32.08 46.49
N MET C 95 15.81 -32.94 47.34
CA MET C 95 14.61 -32.63 48.10
C MET C 95 15.02 -31.68 49.21
N ILE C 96 14.19 -30.66 49.44
CA ILE C 96 14.46 -29.66 50.47
C ILE C 96 13.42 -29.78 51.61
N LEU C 97 12.15 -29.54 51.32
CA LEU C 97 11.10 -29.65 52.35
C LEU C 97 9.75 -29.95 51.76
N PRO C 98 8.85 -30.56 52.54
CA PRO C 98 7.45 -30.76 52.16
C PRO C 98 6.78 -29.42 51.92
N GLY C 99 5.90 -29.28 50.93
CA GLY C 99 5.16 -28.04 50.79
C GLY C 99 4.66 -27.84 49.37
N ARG C 100 3.83 -26.83 49.17
CA ARG C 100 3.17 -26.67 47.88
C ARG C 100 3.37 -25.35 47.17
N SER C 101 4.03 -24.40 47.81
CA SER C 101 4.53 -23.21 47.12
C SER C 101 5.88 -22.86 47.74
N SER C 102 6.68 -22.06 47.05
CA SER C 102 7.95 -21.70 47.61
C SER C 102 8.53 -20.41 47.07
N SER C 103 9.65 -20.01 47.65
CA SER C 103 10.52 -18.98 47.14
C SER C 103 11.91 -19.33 47.67
N ALA C 104 12.93 -18.86 46.97
CA ALA C 104 14.32 -19.12 47.36
C ALA C 104 15.17 -17.98 46.84
N CYS C 105 16.26 -17.69 47.54
CA CYS C 105 17.21 -16.68 47.09
C CYS C 105 18.51 -16.83 47.88
N PHE C 106 19.60 -16.44 47.22
CA PHE C 106 20.96 -16.57 47.76
C PHE C 106 21.48 -15.21 48.15
N ASP C 107 21.92 -15.03 49.38
CA ASP C 107 22.25 -13.69 49.86
C ASP C 107 23.74 -13.34 49.73
N GLY C 108 24.53 -14.20 49.09
CA GLY C 108 25.97 -14.04 49.06
C GLY C 108 26.70 -15.04 49.94
N LEU C 109 25.97 -15.62 50.89
CA LEU C 109 26.56 -16.59 51.81
C LEU C 109 25.81 -17.90 51.87
N LYS C 110 24.50 -17.83 52.05
CA LYS C 110 23.71 -19.06 52.09
C LYS C 110 22.36 -18.92 51.41
N TRP C 111 21.78 -20.07 51.05
CA TRP C 111 20.41 -20.13 50.52
C TRP C 111 19.39 -19.90 51.59
N THR C 112 18.48 -18.97 51.32
CA THR C 112 17.24 -18.86 52.07
C THR C 112 16.16 -19.54 51.25
N VAL C 113 15.40 -20.42 51.89
CA VAL C 113 14.35 -21.13 51.21
C VAL C 113 13.10 -21.04 52.08
N LEU C 114 11.97 -20.74 51.45
CA LEU C 114 10.72 -20.66 52.15
C LEU C 114 9.76 -21.65 51.52
N VAL C 115 9.03 -22.43 52.34
CA VAL C 115 7.93 -23.24 51.80
C VAL C 115 6.64 -23.07 52.61
N SER C 116 5.49 -23.16 51.93
CA SER C 116 4.21 -23.17 52.62
C SER C 116 3.63 -24.57 52.72
N ASN C 117 2.92 -24.83 53.80
CA ASN C 117 2.32 -26.14 53.98
C ASN C 117 1.15 -25.98 54.94
N GLY C 118 0.36 -27.04 55.13
CA GLY C 118 -0.77 -26.98 56.07
C GLY C 118 -1.99 -26.41 55.36
N ARG C 119 -3.12 -26.32 56.06
CA ARG C 119 -4.35 -25.84 55.46
C ARG C 119 -5.05 -24.77 56.29
N ASP C 120 -5.67 -23.83 55.58
CA ASP C 120 -6.56 -22.87 56.17
C ASP C 120 -5.86 -22.17 57.33
N ARG C 121 -6.53 -22.07 58.47
CA ARG C 121 -6.02 -21.23 59.55
C ARG C 121 -4.73 -21.79 60.12
N ASN C 122 -4.43 -23.07 59.88
CA ASN C 122 -3.19 -23.65 60.40
C ASN C 122 -2.08 -23.69 59.34
N SER C 123 -2.36 -23.15 58.16
CA SER C 123 -1.37 -22.96 57.08
C SER C 123 -0.15 -22.25 57.64
N PHE C 124 1.04 -22.65 57.22
CA PHE C 124 2.24 -21.99 57.71
C PHE C 124 3.33 -21.89 56.66
N ILE C 125 4.30 -21.02 56.93
CA ILE C 125 5.52 -20.97 56.16
C ILE C 125 6.72 -21.32 57.03
N MET C 126 7.61 -22.12 56.48
CA MET C 126 8.81 -22.56 57.13
C MET C 126 9.98 -21.99 56.34
N ILE C 127 11.01 -21.52 57.04
CA ILE C 127 12.19 -20.96 56.41
C ILE C 127 13.44 -21.72 56.82
N LYS C 128 14.28 -22.02 55.84
CA LYS C 128 15.63 -22.49 56.05
C LYS C 128 16.65 -21.47 55.61
N TYR C 129 17.72 -21.36 56.37
CA TYR C 129 18.91 -20.62 55.99
C TYR C 129 20.02 -21.64 56.02
N GLY C 130 20.58 -21.94 54.86
CA GLY C 130 21.53 -23.02 54.74
C GLY C 130 20.85 -24.33 55.14
N GLU C 131 21.51 -25.09 56.00
CA GLU C 131 21.00 -26.42 56.39
C GLU C 131 19.96 -26.39 57.50
N GLU C 132 19.78 -25.26 58.15
CA GLU C 132 18.96 -25.20 59.36
C GLU C 132 17.61 -24.55 59.13
N ILE C 133 16.57 -25.12 59.74
CA ILE C 133 15.26 -24.47 59.70
C ILE C 133 15.37 -23.35 60.69
N THR C 134 15.07 -22.11 60.29
CA THR C 134 15.37 -20.98 61.14
C THR C 134 14.17 -20.22 61.62
N ASP C 135 13.03 -20.39 60.97
CA ASP C 135 11.87 -19.62 61.39
C ASP C 135 10.61 -20.19 60.80
N THR C 136 9.48 -19.82 61.39
CA THR C 136 8.18 -20.19 60.85
C THR C 136 7.24 -19.09 61.16
N PHE C 137 6.12 -19.04 60.43
CA PHE C 137 4.99 -18.22 60.85
C PHE C 137 3.72 -18.73 60.21
N SER C 138 2.59 -18.41 60.83
CA SER C 138 1.32 -18.97 60.41
C SER C 138 0.40 -17.93 59.80
N ALA C 139 -0.67 -18.41 59.18
CA ALA C 139 -1.65 -17.59 58.52
C ALA C 139 -2.22 -16.54 59.47
N SER C 140 -2.61 -15.40 58.92
CA SER C 140 -3.24 -14.33 59.68
C SER C 140 -4.71 -14.17 59.28
N ARG C 141 -5.03 -14.41 58.01
CA ARG C 141 -6.37 -14.06 57.53
C ARG C 141 -7.10 -15.27 57.01
N GLY C 142 -6.82 -16.42 57.60
CA GLY C 142 -7.61 -17.61 57.30
C GLY C 142 -6.88 -18.61 56.43
N GLY C 143 -5.76 -18.20 55.85
CA GLY C 143 -5.02 -19.07 54.96
C GLY C 143 -5.73 -19.30 53.66
N PRO C 144 -5.11 -20.07 52.73
CA PRO C 144 -3.76 -20.62 52.92
C PRO C 144 -2.67 -19.57 52.71
N LEU C 145 -1.54 -19.65 53.43
CA LEU C 145 -0.40 -18.83 53.10
C LEU C 145 0.21 -19.29 51.79
N ARG C 146 0.56 -18.35 50.91
CA ARG C 146 1.06 -18.66 49.56
C ARG C 146 2.35 -17.91 49.27
N LEU C 147 3.35 -18.63 48.78
CA LEU C 147 4.57 -18.03 48.33
C LEU C 147 4.48 -17.89 46.81
N PRO C 148 5.31 -17.03 46.22
CA PRO C 148 5.04 -16.67 44.82
C PRO C 148 5.58 -17.60 43.74
N ASN C 149 6.37 -18.59 44.12
CA ASN C 149 7.03 -19.46 43.16
C ASN C 149 7.86 -18.68 42.17
N SER C 150 8.70 -17.79 42.72
CA SER C 150 9.72 -17.04 41.97
C SER C 150 10.76 -16.70 43.02
N GLU C 151 11.96 -16.30 42.63
CA GLU C 151 13.00 -16.08 43.62
C GLU C 151 12.71 -14.87 44.48
N CYS C 152 13.10 -14.91 45.75
CA CYS C 152 13.02 -13.72 46.58
C CYS C 152 14.25 -12.82 46.28
N ILE C 153 14.24 -11.59 46.77
CA ILE C 153 15.28 -10.61 46.42
C ILE C 153 16.16 -10.29 47.63
N CYS C 154 17.45 -10.58 47.53
CA CYS C 154 18.40 -10.23 48.59
C CYS C 154 19.21 -8.98 48.25
N VAL C 155 19.36 -8.11 49.24
CA VAL C 155 20.04 -6.84 49.07
C VAL C 155 20.83 -6.54 50.34
N GLU C 156 22.15 -6.53 50.23
CA GLU C 156 23.00 -6.23 51.37
C GLU C 156 22.67 -7.12 52.56
N GLY C 157 22.45 -8.40 52.30
CA GLY C 157 22.17 -9.39 53.34
C GLY C 157 20.75 -9.48 53.89
N SER C 158 19.84 -8.62 53.45
CA SER C 158 18.43 -8.79 53.78
C SER C 158 17.70 -9.34 52.58
N CYS C 159 16.76 -10.24 52.83
CA CYS C 159 16.04 -10.85 51.75
C CYS C 159 14.59 -10.50 51.93
N PHE C 160 13.92 -10.31 50.80
CA PHE C 160 12.56 -9.78 50.80
C PHE C 160 11.70 -10.73 50.00
N VAL C 161 10.52 -11.05 50.51
CA VAL C 161 9.65 -11.96 49.78
C VAL C 161 8.24 -11.52 49.97
N LEU C 162 7.44 -11.70 48.94
CA LEU C 162 6.00 -11.41 49.04
C LEU C 162 5.24 -12.65 49.44
N VAL C 163 4.36 -12.49 50.41
CA VAL C 163 3.59 -13.59 50.94
C VAL C 163 2.13 -13.20 50.87
N SER C 164 1.29 -14.06 50.31
CA SER C 164 -0.14 -13.80 50.27
C SER C 164 -0.93 -14.70 51.22
N ASP C 165 -2.09 -14.21 51.65
CA ASP C 165 -2.95 -14.90 52.61
C ASP C 165 -4.39 -14.60 52.19
N GLY C 166 -5.36 -15.19 52.89
CA GLY C 166 -6.77 -14.95 52.61
C GLY C 166 -7.36 -16.07 51.77
N PRO C 167 -8.66 -16.35 51.93
CA PRO C 167 -9.26 -17.57 51.38
C PRO C 167 -9.79 -17.51 49.95
N ASN C 168 -10.01 -16.31 49.40
CA ASN C 168 -10.44 -16.19 48.00
C ASN C 168 -9.70 -15.04 47.37
N VAL C 169 -9.70 -14.98 46.05
CA VAL C 169 -8.93 -13.98 45.36
C VAL C 169 -9.57 -12.62 45.52
N ASN C 170 -10.85 -12.55 45.86
CA ASN C 170 -11.50 -11.26 46.17
C ASN C 170 -11.35 -10.83 47.63
N GLN C 171 -10.58 -11.59 48.40
CA GLN C 171 -10.39 -11.32 49.82
C GLN C 171 -8.95 -11.62 50.18
N SER C 172 -8.01 -11.25 49.31
CA SER C 172 -6.61 -11.60 49.55
C SER C 172 -5.90 -10.45 50.26
N VAL C 173 -4.92 -10.76 51.08
CA VAL C 173 -3.98 -9.74 51.57
C VAL C 173 -2.56 -10.21 51.21
N HIS C 174 -1.64 -9.26 51.18
CA HIS C 174 -0.29 -9.49 50.70
C HIS C 174 0.63 -8.70 51.56
N ARG C 175 1.73 -9.31 51.96
CA ARG C 175 2.71 -8.65 52.78
C ARG C 175 4.09 -8.78 52.18
N ILE C 176 4.95 -7.84 52.48
CA ILE C 176 6.37 -8.01 52.21
C ILE C 176 7.02 -8.45 53.51
N TYR C 177 7.70 -9.58 53.49
CA TYR C 177 8.49 -10.02 54.62
C TYR C 177 9.94 -9.67 54.38
N GLU C 178 10.59 -9.15 55.42
CA GLU C 178 12.01 -8.92 55.37
C GLU C 178 12.75 -9.92 56.24
N LEU C 179 13.74 -10.59 55.67
CA LEU C 179 14.46 -11.62 56.41
C LEU C 179 15.94 -11.35 56.45
N GLN C 180 16.57 -11.89 57.49
CA GLN C 180 18.01 -11.88 57.61
C GLN C 180 18.41 -13.19 58.25
N ASN C 181 19.36 -13.88 57.63
CA ASN C 181 19.77 -15.21 58.05
C ASN C 181 18.54 -16.11 58.26
N GLY C 182 17.57 -16.02 57.38
CA GLY C 182 16.40 -16.86 57.46
C GLY C 182 15.48 -16.59 58.63
N THR C 183 15.64 -15.45 59.30
CA THR C 183 14.70 -15.08 60.35
C THR C 183 13.98 -13.81 59.99
N VAL C 184 12.68 -13.77 60.30
CA VAL C 184 11.82 -12.65 59.96
C VAL C 184 12.23 -11.46 60.82
N GLN C 185 12.60 -10.35 60.18
CA GLN C 185 12.95 -9.12 60.89
C GLN C 185 11.71 -8.22 61.05
N ARG C 186 10.92 -8.10 60.01
CA ARG C 186 9.69 -7.31 60.06
C ARG C 186 8.92 -7.63 58.82
N TRP C 187 7.68 -7.15 58.75
CA TRP C 187 6.90 -7.31 57.54
C TRP C 187 6.03 -6.10 57.41
N LYS C 188 5.48 -5.92 56.22
CA LYS C 188 4.58 -4.82 55.96
C LYS C 188 3.44 -5.30 55.12
N GLN C 189 2.22 -5.02 55.58
CA GLN C 189 1.06 -5.39 54.81
C GLN C 189 0.74 -4.28 53.82
N LEU C 190 0.58 -4.68 52.56
CA LEU C 190 0.35 -3.74 51.48
C LEU C 190 -1.13 -3.40 51.43
N ASN C 191 -1.45 -2.18 51.07
CA ASN C 191 -2.84 -1.84 50.80
C ASN C 191 -3.18 -2.23 49.38
N THR C 192 -3.94 -3.31 49.21
CA THR C 192 -4.23 -3.83 47.87
C THR C 192 -5.75 -3.84 47.63
N THR C 193 -6.42 -2.91 48.30
CA THR C 193 -7.86 -2.79 48.17
C THR C 193 -8.25 -2.69 46.73
N GLY C 194 -9.15 -3.58 46.31
CA GLY C 194 -9.70 -3.50 44.98
C GLY C 194 -8.95 -4.38 44.00
N ILE C 195 -7.82 -4.97 44.41
CA ILE C 195 -7.07 -5.84 43.47
C ILE C 195 -6.63 -7.13 44.17
N ASN C 196 -6.00 -8.00 43.39
CA ASN C 196 -5.40 -9.25 43.87
C ASN C 196 -3.97 -9.26 43.31
N PHE C 197 -3.00 -9.73 44.10
CA PHE C 197 -1.57 -9.66 43.76
C PHE C 197 -0.86 -10.99 44.03
N GLU C 198 -1.10 -11.97 43.18
CA GLU C 198 -0.54 -13.30 43.34
C GLU C 198 0.74 -13.46 42.51
N TYR C 199 1.52 -14.47 42.84
CA TYR C 199 2.63 -14.89 41.96
C TYR C 199 3.61 -13.77 41.71
N SER C 200 3.85 -12.94 42.71
CA SER C 200 4.84 -11.90 42.56
C SER C 200 6.13 -12.41 41.99
N THR C 201 6.61 -11.74 40.93
CA THR C 201 7.93 -12.06 40.39
C THR C 201 8.72 -10.75 40.34
N CYS C 202 9.90 -10.77 40.93
CA CYS C 202 10.63 -9.55 41.27
C CYS C 202 12.07 -9.57 40.78
N TYR C 203 12.63 -8.38 40.66
CA TYR C 203 14.05 -8.21 40.41
C TYR C 203 14.45 -6.88 41.07
N THR C 204 15.75 -6.64 41.20
CA THR C 204 16.18 -5.37 41.76
C THR C 204 17.23 -4.65 40.92
N ILE C 205 17.13 -3.33 40.90
CA ILE C 205 18.12 -2.45 40.28
C ILE C 205 18.47 -1.29 41.20
N ASN C 206 19.75 -1.19 41.56
CA ASN C 206 20.22 -0.18 42.50
C ASN C 206 19.33 -0.07 43.75
N ASN C 207 19.06 -1.22 44.35
CA ASN C 207 18.42 -1.30 45.67
C ASN C 207 16.96 -0.83 45.72
N LEU C 208 16.36 -0.52 44.56
CA LEU C 208 14.90 -0.50 44.46
C LEU C 208 14.44 -1.91 44.03
N ILE C 209 13.28 -2.34 44.49
CA ILE C 209 12.77 -3.65 44.14
C ILE C 209 11.48 -3.47 43.38
N LYS C 210 11.34 -4.23 42.29
CA LYS C 210 10.18 -4.19 41.42
C LYS C 210 9.61 -5.60 41.26
N CYS C 211 8.30 -5.71 41.30
CA CYS C 211 7.66 -6.98 41.18
C CYS C 211 6.46 -6.83 40.31
N THR C 212 6.17 -7.88 39.53
CA THR C 212 4.96 -7.95 38.73
C THR C 212 4.07 -8.99 39.40
N GLY C 213 2.80 -8.65 39.59
CA GLY C 213 1.84 -9.61 40.10
C GLY C 213 0.88 -10.10 39.04
N THR C 214 0.10 -11.10 39.43
CA THR C 214 -0.99 -11.61 38.62
C THR C 214 -2.27 -11.39 39.43
N ASN C 215 -3.21 -10.69 38.83
CA ASN C 215 -4.49 -10.45 39.45
C ASN C 215 -5.46 -11.53 38.98
N LEU C 216 -5.80 -12.46 39.87
CA LEU C 216 -6.62 -13.60 39.52
C LEU C 216 -8.07 -13.29 39.73
N TRP C 217 -8.36 -12.08 40.17
CA TRP C 217 -9.72 -11.67 40.51
C TRP C 217 -10.43 -10.83 39.43
N ASN C 218 -9.89 -9.65 39.13
CA ASN C 218 -10.66 -8.70 38.34
C ASN C 218 -9.83 -7.85 37.38
N ASP C 219 -8.73 -8.39 36.83
CA ASP C 219 -7.89 -7.58 35.93
C ASP C 219 -7.11 -8.53 35.02
N ALA C 220 -7.05 -8.16 33.74
CA ALA C 220 -6.24 -8.85 32.76
C ALA C 220 -4.96 -8.05 32.50
N LYS C 221 -4.87 -6.83 33.03
CA LYS C 221 -3.53 -6.22 33.13
C LYS C 221 -2.85 -6.73 34.39
N ARG C 222 -1.53 -6.59 34.46
CA ARG C 222 -0.82 -6.99 35.66
C ARG C 222 -0.48 -5.81 36.57
N PRO C 223 -0.83 -5.90 37.87
CA PRO C 223 -0.46 -4.81 38.75
C PRO C 223 1.02 -4.84 39.01
N LEU C 224 1.61 -3.70 39.35
CA LEU C 224 3.06 -3.64 39.58
C LEU C 224 3.37 -3.08 40.95
N LEU C 225 4.42 -3.59 41.57
CA LEU C 225 4.80 -3.19 42.91
C LEU C 225 6.20 -2.59 42.83
N ARG C 226 6.39 -1.43 43.45
CA ARG C 226 7.73 -0.85 43.60
C ARG C 226 8.02 -0.61 45.06
N PHE C 227 9.15 -1.07 45.56
CA PHE C 227 9.48 -0.78 46.95
C PHE C 227 10.96 -0.70 47.24
N THR C 228 11.27 -0.13 48.40
CA THR C 228 12.65 -0.02 48.82
C THR C 228 12.92 -0.79 50.11
N LYS C 229 14.19 -0.85 50.48
CA LYS C 229 14.70 -1.54 51.65
C LYS C 229 13.95 -1.14 52.90
N ASP C 230 13.45 0.10 52.97
CA ASP C 230 12.73 0.54 54.18
C ASP C 230 11.24 0.16 54.11
N LEU C 231 10.86 -0.55 53.04
CA LEU C 231 9.49 -1.05 52.83
C LEU C 231 8.47 0.04 52.50
N ASN C 232 8.93 1.22 52.06
CA ASN C 232 8.02 2.15 51.41
C ASN C 232 7.76 1.62 50.01
N TYR C 233 6.53 1.71 49.57
CA TYR C 233 6.13 1.04 48.36
C TYR C 233 5.07 1.83 47.62
N GLN C 234 4.86 1.45 46.38
CA GLN C 234 3.81 1.99 45.55
C GLN C 234 3.33 0.84 44.69
N ILE C 235 2.03 0.74 44.47
CA ILE C 235 1.49 -0.19 43.52
C ILE C 235 0.85 0.54 42.35
N VAL C 236 1.24 0.22 41.12
CA VAL C 236 0.70 0.92 39.96
C VAL C 236 0.05 -0.03 38.95
N GLU C 237 -0.70 0.56 38.03
CA GLU C 237 -1.38 -0.18 36.96
C GLU C 237 -0.76 0.21 35.63
N PRO C 238 -0.53 -0.76 34.72
CA PRO C 238 -0.11 -0.34 33.38
C PRO C 238 -1.10 0.61 32.71
N CYS C 239 -0.61 1.62 32.00
CA CYS C 239 -1.49 2.62 31.38
C CYS C 239 -1.64 2.47 29.87
N ASN C 240 -1.20 1.34 29.34
CA ASN C 240 -1.40 1.06 27.93
C ASN C 240 -2.75 0.37 27.67
N GLY C 241 -2.92 -0.17 26.47
CA GLY C 241 -4.19 -0.79 26.11
C GLY C 241 -4.01 -2.25 25.76
N ALA C 242 -2.84 -2.81 26.05
CA ALA C 242 -2.56 -4.19 25.71
C ALA C 242 -2.36 -5.00 27.01
N PRO C 243 -3.44 -5.58 27.55
CA PRO C 243 -3.35 -6.40 28.77
C PRO C 243 -2.43 -7.58 28.51
N THR C 244 -1.72 -8.05 29.52
CA THR C 244 -0.77 -9.14 29.28
C THR C 244 -1.02 -10.42 30.09
N ASP C 245 -2.07 -10.45 30.89
CA ASP C 245 -2.47 -11.71 31.55
C ASP C 245 -3.00 -12.69 30.50
N PHE C 246 -3.11 -13.95 30.92
CA PHE C 246 -3.90 -14.94 30.20
C PHE C 246 -4.71 -15.70 31.23
N PRO C 247 -6.05 -15.69 31.11
CA PRO C 247 -6.81 -15.12 29.98
C PRO C 247 -6.82 -13.60 29.94
N ARG C 248 -7.34 -13.03 28.85
CA ARG C 248 -7.51 -11.58 28.69
C ARG C 248 -8.43 -11.31 27.50
N GLY C 249 -8.89 -10.07 27.38
CA GLY C 249 -9.71 -9.65 26.26
C GLY C 249 -8.82 -9.08 25.18
N GLY C 250 -9.40 -8.34 24.25
CA GLY C 250 -8.63 -7.75 23.17
C GLY C 250 -7.96 -6.47 23.61
N LEU C 251 -7.24 -5.86 22.69
CA LEU C 251 -6.61 -4.56 22.93
C LEU C 251 -7.71 -3.55 23.17
N THR C 252 -7.38 -2.44 23.83
CA THR C 252 -8.36 -1.43 24.14
C THR C 252 -7.67 -0.12 24.06
N THR C 253 -8.42 0.96 24.24
CA THR C 253 -7.88 2.29 24.38
C THR C 253 -6.99 2.43 25.61
N PRO C 254 -5.77 2.96 25.43
CA PRO C 254 -4.83 3.18 26.53
C PRO C 254 -5.43 4.03 27.62
N SER C 255 -5.24 3.62 28.88
CA SER C 255 -5.67 4.41 30.04
C SER C 255 -5.11 3.70 31.28
N CYS C 256 -5.25 4.30 32.44
CA CYS C 256 -4.71 3.70 33.65
C CYS C 256 -5.72 2.77 34.31
N LYS C 257 -6.86 2.55 33.65
CA LYS C 257 -7.88 1.70 34.22
C LYS C 257 -7.53 0.23 34.09
N MET C 258 -8.03 -0.55 35.04
CA MET C 258 -7.88 -1.99 35.01
C MET C 258 -8.58 -2.51 33.77
N ALA C 259 -8.18 -3.68 33.30
CA ALA C 259 -8.81 -4.32 32.15
C ALA C 259 -9.70 -5.44 32.68
N GLN C 260 -10.99 -5.14 32.79
CA GLN C 260 -11.92 -5.97 33.55
C GLN C 260 -12.33 -7.19 32.74
N GLU C 261 -12.35 -7.05 31.42
CA GLU C 261 -12.77 -8.14 30.55
C GLU C 261 -11.84 -9.36 30.67
N LYS C 262 -12.43 -10.51 30.93
CA LYS C 262 -11.68 -11.73 31.21
C LYS C 262 -10.62 -11.56 32.30
N GLY C 263 -10.89 -10.66 33.25
CA GLY C 263 -9.97 -10.38 34.35
C GLY C 263 -9.79 -11.53 35.33
N GLU C 264 -10.82 -12.36 35.49
CA GLU C 264 -10.76 -13.53 36.38
C GLU C 264 -9.81 -14.60 35.85
N GLY C 265 -9.05 -15.22 36.74
CA GLY C 265 -8.03 -16.16 36.32
C GLY C 265 -6.75 -15.39 36.00
N GLY C 266 -5.71 -16.11 35.60
CA GLY C 266 -4.43 -15.50 35.34
C GLY C 266 -3.32 -16.53 35.39
N ILE C 267 -2.12 -16.07 35.04
CA ILE C 267 -0.96 -16.94 35.03
C ILE C 267 0.25 -16.05 35.38
N GLN C 268 1.18 -16.59 36.15
CA GLN C 268 2.37 -15.84 36.54
C GLN C 268 3.08 -15.27 35.29
N GLY C 269 3.52 -14.02 35.40
CA GLY C 269 4.20 -13.32 34.31
C GLY C 269 4.84 -12.05 34.80
N PHE C 270 5.55 -11.37 33.88
CA PHE C 270 6.43 -10.31 34.26
C PHE C 270 6.36 -9.07 33.35
N ILE C 271 6.70 -7.94 33.95
CA ILE C 271 6.92 -6.70 33.22
C ILE C 271 8.19 -6.08 33.77
N LEU C 272 9.10 -5.74 32.87
CA LEU C 272 10.27 -4.98 33.25
C LEU C 272 9.83 -3.54 33.35
N ASP C 273 9.74 -3.06 34.59
CA ASP C 273 9.14 -1.77 34.94
C ASP C 273 10.27 -0.76 35.00
N GLU C 274 10.85 -0.46 33.84
CA GLU C 274 11.91 0.52 33.71
C GLU C 274 11.57 1.49 32.57
N LYS C 275 12.55 2.30 32.17
CA LYS C 275 12.44 3.10 30.94
C LYS C 275 13.69 2.84 30.14
N PRO C 276 13.60 2.05 29.07
CA PRO C 276 12.35 1.47 28.54
C PRO C 276 11.81 0.32 29.39
N ALA C 277 10.50 0.15 29.27
CA ALA C 277 9.81 -0.97 29.90
C ALA C 277 9.70 -2.05 28.86
N TRP C 278 9.56 -3.29 29.31
CA TRP C 278 9.24 -4.37 28.42
C TRP C 278 8.05 -5.14 28.98
N THR C 279 7.08 -5.44 28.13
CA THR C 279 5.96 -6.32 28.49
C THR C 279 6.14 -7.64 27.77
N SER C 280 5.38 -8.63 28.21
CA SER C 280 5.47 -9.98 27.68
C SER C 280 4.13 -10.65 27.79
N LYS C 281 3.77 -11.42 26.78
CA LYS C 281 2.46 -12.06 26.76
C LYS C 281 2.42 -13.15 25.69
N THR C 282 1.34 -13.94 25.70
CA THR C 282 1.12 -14.87 24.63
C THR C 282 0.80 -14.08 23.34
N LYS C 283 0.93 -14.75 22.21
CA LYS C 283 0.74 -14.09 20.91
C LYS C 283 -0.66 -13.51 20.81
N THR C 284 -1.69 -14.30 21.14
CA THR C 284 -3.04 -13.76 21.13
C THR C 284 -3.78 -14.16 22.40
N GLU C 285 -4.97 -13.61 22.56
CA GLU C 285 -5.81 -13.90 23.69
C GLU C 285 -6.59 -15.19 23.51
N LEU C 286 -6.40 -15.87 22.38
CA LEU C 286 -7.24 -16.99 22.03
C LEU C 286 -6.57 -18.30 22.33
N SER C 287 -5.26 -18.27 22.54
CA SER C 287 -4.55 -19.47 22.91
C SER C 287 -3.25 -19.12 23.59
N GLN C 288 -2.61 -20.12 24.18
CA GLN C 288 -1.34 -19.88 24.85
C GLN C 288 -0.15 -20.18 23.97
N ASN C 289 -0.34 -20.16 22.66
CA ASN C 289 0.80 -20.34 21.77
C ASN C 289 1.61 -19.06 21.69
N GLY C 290 2.93 -19.21 21.63
CA GLY C 290 3.77 -18.08 21.34
C GLY C 290 4.04 -17.19 22.54
N PHE C 291 5.01 -16.29 22.37
CA PHE C 291 5.36 -15.35 23.40
C PHE C 291 5.87 -14.10 22.70
N VAL C 292 5.34 -12.95 23.09
CA VAL C 292 5.66 -11.67 22.48
C VAL C 292 6.25 -10.75 23.53
N LEU C 293 7.39 -10.14 23.19
CA LEU C 293 8.02 -9.13 24.01
C LEU C 293 7.91 -7.78 23.29
N GLU C 294 7.54 -6.73 24.01
CA GLU C 294 7.37 -5.39 23.43
C GLU C 294 8.05 -4.39 24.33
N GLN C 295 8.83 -3.51 23.70
CA GLN C 295 9.52 -2.43 24.38
C GLN C 295 8.72 -1.16 24.27
N ILE C 296 8.59 -0.48 25.40
CA ILE C 296 7.86 0.77 25.51
C ILE C 296 8.82 1.81 26.08
N PRO C 297 9.45 2.64 25.22
CA PRO C 297 10.45 3.60 25.73
C PRO C 297 9.99 4.52 26.87
N ASP C 298 8.75 4.96 26.88
CA ASP C 298 8.34 5.95 27.87
C ASP C 298 7.86 5.30 29.18
N GLY C 299 7.98 4.00 29.28
CA GLY C 299 7.74 3.35 30.58
C GLY C 299 6.33 2.84 30.68
N ILE C 300 6.05 2.05 31.71
CA ILE C 300 4.81 1.29 31.72
C ILE C 300 3.61 2.15 32.09
N GLU C 301 3.87 3.30 32.71
CA GLU C 301 2.78 4.25 33.01
C GLU C 301 2.46 5.27 31.88
N SER C 302 3.14 5.15 30.74
CA SER C 302 2.88 6.00 29.58
C SER C 302 1.73 5.40 28.77
N GLU C 303 1.46 5.91 27.57
CA GLU C 303 0.30 5.44 26.80
C GLU C 303 0.62 4.12 26.11
N GLY C 304 1.89 3.72 26.16
CA GLY C 304 2.29 2.39 25.76
C GLY C 304 2.75 2.22 24.32
N THR C 305 3.18 3.29 23.66
CA THR C 305 3.77 3.17 22.33
C THR C 305 4.97 2.25 22.33
N VAL C 306 4.96 1.30 21.40
CA VAL C 306 5.97 0.28 21.27
C VAL C 306 7.01 0.58 20.18
N SER C 307 8.28 0.52 20.54
CA SER C 307 9.39 0.77 19.61
C SER C 307 9.96 -0.48 18.96
N LEU C 308 9.78 -1.63 19.60
CA LEU C 308 10.44 -2.87 19.21
C LEU C 308 9.65 -4.04 19.78
N SER C 309 9.34 -5.02 18.95
CA SER C 309 8.68 -6.20 19.47
C SER C 309 9.31 -7.47 18.91
N TYR C 310 9.33 -8.50 19.73
CA TYR C 310 9.81 -9.83 19.37
C TYR C 310 8.62 -10.78 19.35
N GLU C 311 8.71 -11.75 18.47
CA GLU C 311 7.78 -12.89 18.51
C GLU C 311 8.57 -14.15 18.53
N LEU C 312 8.27 -15.00 19.51
CA LEU C 312 9.01 -16.26 19.77
C LEU C 312 8.04 -17.44 19.93
N PHE C 313 8.57 -18.66 19.82
CA PHE C 313 7.80 -19.88 20.13
C PHE C 313 6.46 -19.92 19.44
N SER C 314 6.43 -19.53 18.16
CA SER C 314 5.18 -19.25 17.49
C SER C 314 4.18 -20.42 17.51
N ASN C 315 4.68 -21.64 17.42
CA ASN C 315 3.80 -22.80 17.47
C ASN C 315 4.05 -23.70 18.70
N LYS C 316 4.50 -23.12 19.81
CA LYS C 316 4.63 -23.86 21.06
C LYS C 316 3.72 -23.19 22.08
N ARG C 317 3.15 -24.00 22.94
CA ARG C 317 2.29 -23.50 24.01
C ARG C 317 3.24 -23.02 25.15
N THR C 318 3.02 -21.80 25.63
CA THR C 318 3.85 -21.21 26.67
C THR C 318 3.05 -21.01 27.95
N GLY C 319 3.74 -20.90 29.09
CA GLY C 319 3.11 -20.87 30.39
C GLY C 319 3.54 -19.73 31.28
N ARG C 320 3.87 -20.09 32.52
CA ARG C 320 4.29 -19.15 33.53
C ARG C 320 5.62 -18.56 33.13
N SER C 321 5.88 -17.34 33.57
CA SER C 321 7.19 -16.76 33.37
C SER C 321 7.48 -15.84 34.51
N GLY C 322 8.76 -15.55 34.75
CA GLY C 322 9.15 -14.67 35.84
C GLY C 322 10.62 -14.34 35.73
N PHE C 323 11.07 -13.40 36.57
CA PHE C 323 12.45 -12.90 36.61
C PHE C 323 13.39 -13.75 37.43
N PHE C 324 14.66 -13.73 37.05
CA PHE C 324 15.75 -14.17 37.91
C PHE C 324 16.96 -13.36 37.54
N GLN C 325 17.87 -13.21 38.50
CA GLN C 325 19.10 -12.44 38.31
C GLN C 325 20.34 -13.23 38.63
N PRO C 326 21.18 -13.53 37.63
CA PRO C 326 22.47 -14.18 37.94
C PRO C 326 23.31 -13.25 38.79
N LYS C 327 24.16 -13.81 39.65
CA LYS C 327 24.92 -13.01 40.62
C LYS C 327 26.29 -12.64 40.06
N GLY C 328 26.66 -13.26 38.95
CA GLY C 328 27.85 -12.87 38.22
C GLY C 328 27.45 -12.19 36.91
N GLU C 333 29.20 -3.81 34.61
CA GLU C 333 28.78 -2.45 34.91
C GLU C 333 27.35 -2.42 35.45
N CYS C 334 26.39 -2.71 34.56
CA CYS C 334 24.98 -2.70 34.93
C CYS C 334 24.55 -4.05 35.50
N GLN C 335 23.47 -4.05 36.27
CA GLN C 335 22.95 -5.29 36.84
C GLN C 335 22.24 -6.14 35.78
N ARG C 336 22.47 -7.43 35.81
CA ARG C 336 21.84 -8.32 34.86
C ARG C 336 20.38 -8.59 35.27
N VAL C 337 19.53 -8.82 34.28
CA VAL C 337 18.15 -9.24 34.52
C VAL C 337 17.81 -10.29 33.48
N CYS C 338 17.27 -11.41 33.94
CA CYS C 338 16.88 -12.50 33.09
C CYS C 338 15.47 -12.93 33.39
N PHE C 339 14.91 -13.80 32.53
CA PHE C 339 13.63 -14.39 32.79
C PHE C 339 13.60 -15.84 32.39
N TRP C 340 12.78 -16.62 33.11
CA TRP C 340 12.48 -17.98 32.76
C TRP C 340 11.07 -18.08 32.23
N LEU C 341 10.84 -19.10 31.42
CA LEU C 341 9.56 -19.24 30.73
C LEU C 341 9.27 -20.72 30.53
N GLU C 342 8.08 -21.13 30.94
CA GLU C 342 7.60 -22.51 30.76
C GLU C 342 7.20 -22.72 29.31
N ILE C 343 7.74 -23.77 28.70
CA ILE C 343 7.42 -24.16 27.32
C ILE C 343 6.95 -25.58 27.36
N GLU C 344 5.87 -25.88 26.64
CA GLU C 344 5.24 -27.21 26.72
C GLU C 344 5.83 -28.14 25.68
N GLN C 354 6.30 -29.37 30.41
CA GLN C 354 6.82 -28.12 30.99
C GLN C 354 8.35 -28.13 31.20
N GLU C 355 9.09 -27.54 30.26
CA GLU C 355 10.51 -27.24 30.47
C GLU C 355 10.70 -25.73 30.57
N LEU C 356 11.64 -25.28 31.39
CA LEU C 356 11.95 -23.86 31.51
C LEU C 356 13.00 -23.45 30.49
N SER C 357 12.74 -22.41 29.75
CA SER C 357 13.81 -21.80 29.00
C SER C 357 14.17 -20.48 29.65
N THR C 358 15.37 -19.97 29.40
CA THR C 358 15.73 -18.70 29.98
C THR C 358 16.33 -17.77 28.95
N PHE C 359 16.14 -16.49 29.24
CA PHE C 359 16.56 -15.39 28.39
C PHE C 359 17.14 -14.33 29.30
N CYS C 360 18.15 -13.62 28.80
CA CYS C 360 18.76 -12.53 29.56
C CYS C 360 18.73 -11.24 28.79
N GLY C 361 18.60 -10.17 29.57
CA GLY C 361 18.55 -8.82 29.09
C GLY C 361 19.91 -8.36 28.61
N ILE C 362 19.93 -7.60 27.52
CA ILE C 362 21.16 -6.93 27.07
C ILE C 362 21.14 -5.49 27.59
N ASN C 363 22.10 -5.18 28.47
CA ASN C 363 22.23 -3.84 29.11
C ASN C 363 22.87 -2.63 28.39
N SER C 364 22.97 -1.55 29.17
CA SER C 364 23.37 -0.22 28.74
C SER C 364 22.61 0.21 27.49
N CYS D 16 -26.16 0.68 -33.49
CA CYS D 16 -24.98 1.22 -32.81
C CYS D 16 -25.27 2.57 -32.14
N GLU D 17 -24.50 2.89 -31.11
CA GLU D 17 -24.75 4.04 -30.27
C GLU D 17 -23.41 4.43 -29.66
N VAL D 18 -23.06 5.71 -29.71
CA VAL D 18 -21.85 6.19 -29.04
C VAL D 18 -22.23 6.42 -27.59
N LYS D 19 -21.70 5.60 -26.68
CA LYS D 19 -22.13 5.74 -25.29
C LYS D 19 -21.08 6.40 -24.42
N GLY D 20 -19.94 6.75 -25.02
CA GLY D 20 -18.96 7.54 -24.33
C GLY D 20 -17.80 7.95 -25.21
N TRP D 21 -16.85 8.69 -24.64
CA TRP D 21 -15.63 9.10 -25.35
C TRP D 21 -14.46 8.89 -24.44
N VAL D 22 -13.33 8.47 -24.98
CA VAL D 22 -12.09 8.38 -24.22
C VAL D 22 -10.93 9.03 -24.94
N PRO D 23 -9.95 9.53 -24.18
CA PRO D 23 -8.82 10.12 -24.89
C PRO D 23 -8.00 9.02 -25.54
N THR D 24 -7.39 9.33 -26.67
CA THR D 24 -6.56 8.36 -27.41
C THR D 24 -5.17 8.92 -27.74
N HIS D 25 -5.04 10.23 -27.80
CA HIS D 25 -3.71 10.84 -27.84
C HIS D 25 -3.69 12.28 -27.29
N ARG D 26 -2.74 12.59 -26.41
CA ARG D 26 -2.50 14.00 -26.05
C ARG D 26 -1.12 14.49 -26.49
N ASP D 37 13.40 24.68 -33.52
CA ASP D 37 12.95 23.38 -34.00
C ASP D 37 11.57 23.44 -34.70
N LEU D 38 10.60 24.04 -34.02
CA LEU D 38 9.19 23.89 -34.38
C LEU D 38 8.74 24.66 -35.60
N ILE D 39 7.73 24.06 -36.25
CA ILE D 39 6.94 24.73 -37.26
C ILE D 39 5.68 25.26 -36.58
N LEU D 40 5.31 26.49 -36.91
CA LEU D 40 4.11 27.09 -36.34
C LEU D 40 2.90 26.73 -37.21
N SER D 41 1.89 26.14 -36.59
CA SER D 41 0.81 25.54 -37.35
C SER D 41 -0.52 26.21 -37.07
N ARG D 42 -1.40 26.21 -38.06
CA ARG D 42 -2.79 26.61 -37.84
C ARG D 42 -3.68 25.73 -38.71
N ARG D 43 -4.96 25.69 -38.37
CA ARG D 43 -5.93 24.98 -39.20
C ARG D 43 -5.58 23.52 -39.36
N ALA D 44 -5.10 22.93 -38.28
CA ALA D 44 -4.73 21.51 -38.22
C ALA D 44 -5.96 20.65 -38.04
N TYR D 45 -5.93 19.47 -38.63
CA TYR D 45 -6.92 18.42 -38.39
C TYR D 45 -6.22 17.08 -38.53
N VAL D 46 -6.96 16.01 -38.24
CA VAL D 46 -6.41 14.66 -38.32
C VAL D 46 -7.13 13.88 -39.40
N SER D 47 -6.38 13.05 -40.12
CA SER D 47 -6.94 12.11 -41.09
C SER D 47 -5.99 10.89 -41.11
N CYS D 48 -6.55 9.71 -41.39
CA CYS D 48 -5.82 8.44 -41.25
C CYS D 48 -5.81 7.60 -42.50
N ASP D 49 -4.72 6.86 -42.73
CA ASP D 49 -4.73 5.83 -43.78
C ASP D 49 -5.08 4.50 -43.10
N LEU D 50 -4.74 3.37 -43.71
CA LEU D 50 -5.12 2.08 -43.12
C LEU D 50 -4.30 1.75 -41.89
N THR D 51 -3.06 2.20 -41.91
CA THR D 51 -2.11 1.86 -40.88
C THR D 51 -2.00 2.96 -39.83
N SER D 52 -2.15 4.22 -40.24
CA SER D 52 -1.62 5.32 -39.45
C SER D 52 -2.43 6.63 -39.53
N CYS D 53 -2.23 7.51 -38.55
CA CYS D 53 -2.95 8.77 -38.45
C CYS D 53 -2.02 10.00 -38.57
N PHE D 54 -2.49 11.03 -39.27
CA PHE D 54 -1.65 12.22 -39.48
C PHE D 54 -2.38 13.50 -39.11
N LYS D 55 -1.57 14.47 -38.68
CA LYS D 55 -2.00 15.84 -38.62
C LYS D 55 -1.68 16.51 -39.96
N PHE D 56 -2.71 17.08 -40.57
CA PHE D 56 -2.54 18.03 -41.68
C PHE D 56 -2.71 19.42 -41.13
N PHE D 57 -1.89 20.37 -41.58
CA PHE D 57 -1.94 21.70 -41.03
C PHE D 57 -1.32 22.72 -41.97
N ILE D 58 -1.67 23.97 -41.78
CA ILE D 58 -1.07 25.07 -42.56
C ILE D 58 0.07 25.63 -41.73
N ALA D 59 1.26 25.65 -42.30
CA ALA D 59 2.44 26.16 -41.59
C ALA D 59 2.72 27.54 -42.12
N TYR D 60 2.86 28.48 -41.21
CA TYR D 60 2.97 29.88 -41.62
C TYR D 60 4.24 30.54 -41.11
N GLY D 61 5.10 29.76 -40.45
CA GLY D 61 6.35 30.30 -39.93
C GLY D 61 7.14 29.30 -39.11
N LEU D 62 8.33 29.72 -38.68
CA LEU D 62 9.14 28.88 -37.80
C LEU D 62 9.32 29.52 -36.44
N SER D 63 9.77 28.73 -35.48
CA SER D 63 10.08 29.24 -34.16
C SER D 63 11.45 28.76 -33.70
N GLU D 77 2.77 30.34 -46.78
CA GLU D 77 1.87 29.36 -46.18
C GLU D 77 1.82 28.10 -46.98
N SER D 78 1.89 26.97 -46.29
CA SER D 78 1.93 25.66 -46.92
C SER D 78 1.25 24.59 -46.09
N LEU D 79 0.69 23.63 -46.79
CA LEU D 79 0.14 22.45 -46.20
C LEU D 79 1.27 21.49 -45.93
N TYR D 80 1.29 21.01 -44.71
CA TYR D 80 2.28 20.05 -44.22
C TYR D 80 1.53 18.88 -43.60
N LYS D 81 2.22 17.77 -43.40
CA LYS D 81 1.60 16.62 -42.77
C LYS D 81 2.62 15.93 -41.88
N THR D 82 2.21 15.54 -40.68
CA THR D 82 3.11 14.98 -39.70
C THR D 82 2.45 13.78 -39.02
N PRO D 83 3.23 12.73 -38.76
CA PRO D 83 2.64 11.58 -38.04
C PRO D 83 2.08 11.99 -36.68
N ILE D 84 0.94 11.44 -36.31
CA ILE D 84 0.28 11.97 -35.12
C ILE D 84 1.18 11.84 -33.91
N GLY D 85 1.97 10.76 -33.88
CA GLY D 85 2.93 10.57 -32.82
C GLY D 85 3.89 11.74 -32.56
N SER D 86 4.13 12.60 -33.57
CA SER D 86 5.24 13.57 -33.52
C SER D 86 4.83 15.01 -33.40
N ALA D 87 5.70 15.82 -32.79
CA ALA D 87 5.60 17.27 -32.89
C ALA D 87 5.83 17.74 -34.32
N ASN D 88 5.29 18.90 -34.67
CA ASN D 88 5.43 19.42 -36.01
C ASN D 88 6.77 20.11 -36.14
N THR D 89 7.68 19.49 -36.87
CA THR D 89 8.97 20.11 -37.08
C THR D 89 9.50 19.79 -38.49
N LEU D 90 10.61 20.44 -38.84
CA LEU D 90 11.26 20.24 -40.12
C LEU D 90 11.65 18.78 -40.38
N SER D 91 12.16 18.11 -39.36
CA SER D 91 12.55 16.71 -39.49
C SER D 91 11.36 15.77 -39.62
N THR D 92 10.24 16.13 -39.00
CA THR D 92 9.11 15.21 -38.92
C THR D 92 7.96 15.52 -39.85
N SER D 93 7.90 16.74 -40.35
CA SER D 93 6.74 17.17 -41.12
C SER D 93 7.06 17.19 -42.58
N GLU D 94 6.14 16.69 -43.41
CA GLU D 94 6.33 16.64 -44.84
C GLU D 94 5.55 17.75 -45.56
N MET D 95 6.25 18.55 -46.35
CA MET D 95 5.60 19.61 -47.07
C MET D 95 4.87 19.05 -48.26
N ILE D 96 3.68 19.56 -48.51
CA ILE D 96 2.86 19.05 -49.58
C ILE D 96 2.69 20.09 -50.68
N LEU D 97 1.97 21.18 -50.41
CA LEU D 97 1.75 22.26 -51.40
C LEU D 97 1.56 23.60 -50.71
N PRO D 98 1.82 24.71 -51.44
CA PRO D 98 1.47 26.06 -50.98
C PRO D 98 -0.04 26.21 -50.85
N GLY D 99 -0.52 26.88 -49.81
CA GLY D 99 -1.96 26.93 -49.61
C GLY D 99 -2.35 27.53 -48.29
N ARG D 100 -3.61 27.97 -48.21
CA ARG D 100 -4.13 28.76 -47.10
C ARG D 100 -5.15 27.92 -46.29
N SER D 101 -5.85 27.02 -46.98
CA SER D 101 -6.80 26.10 -46.34
C SER D 101 -6.67 24.76 -47.03
N SER D 102 -7.16 23.69 -46.39
CA SER D 102 -7.05 22.36 -46.97
C SER D 102 -8.08 21.35 -46.47
N SER D 103 -8.10 20.23 -47.14
CA SER D 103 -8.80 18.99 -46.72
C SER D 103 -7.98 17.81 -47.25
N ALA D 104 -8.10 16.65 -46.63
CA ALA D 104 -7.37 15.48 -47.06
C ALA D 104 -8.17 14.26 -46.68
N CYS D 105 -8.19 13.26 -47.53
CA CYS D 105 -8.78 11.99 -47.13
C CYS D 105 -8.22 10.82 -47.90
N PHE D 106 -8.21 9.66 -47.24
CA PHE D 106 -7.65 8.45 -47.81
C PHE D 106 -8.77 7.51 -48.20
N ASP D 107 -8.77 7.05 -49.45
CA ASP D 107 -9.90 6.28 -49.95
C ASP D 107 -9.70 4.77 -49.90
N GLY D 108 -8.64 4.30 -49.26
CA GLY D 108 -8.31 2.90 -49.26
C GLY D 108 -7.06 2.58 -50.07
N LEU D 109 -6.81 3.38 -51.10
CA LEU D 109 -5.63 3.23 -51.97
C LEU D 109 -4.64 4.38 -51.86
N LYS D 110 -5.11 5.60 -52.09
CA LYS D 110 -4.24 6.77 -52.05
C LYS D 110 -4.87 7.98 -51.35
N TRP D 111 -4.00 8.88 -50.89
CA TRP D 111 -4.42 10.16 -50.35
C TRP D 111 -4.90 11.09 -51.43
N THR D 112 -6.11 11.60 -51.23
CA THR D 112 -6.58 12.77 -51.95
C THR D 112 -6.29 13.98 -51.06
N VAL D 113 -5.63 14.99 -51.59
CA VAL D 113 -5.37 16.21 -50.84
C VAL D 113 -5.82 17.42 -51.68
N LEU D 114 -6.42 18.42 -51.02
CA LEU D 114 -6.88 19.66 -51.65
C LEU D 114 -6.34 20.88 -50.93
N VAL D 115 -5.82 21.85 -51.69
CA VAL D 115 -5.41 23.11 -51.06
C VAL D 115 -5.95 24.27 -51.84
N SER D 116 -6.27 25.35 -51.14
CA SER D 116 -6.72 26.56 -51.82
C SER D 116 -5.53 27.50 -51.86
N ASN D 117 -5.43 28.30 -52.92
CA ASN D 117 -4.37 29.29 -52.95
C ASN D 117 -4.80 30.40 -53.85
N GLY D 118 -3.97 31.44 -53.93
CA GLY D 118 -4.26 32.55 -54.84
C GLY D 118 -5.30 33.45 -54.21
N ARG D 119 -5.88 34.31 -55.05
CA ARG D 119 -6.71 35.39 -54.56
C ARG D 119 -7.91 35.83 -55.40
N ASP D 120 -9.00 36.08 -54.68
CA ASP D 120 -10.21 36.68 -55.24
C ASP D 120 -10.71 35.82 -56.37
N ARG D 121 -11.00 36.45 -57.50
CA ARG D 121 -11.43 35.75 -58.71
C ARG D 121 -10.36 34.75 -59.11
N ASN D 122 -9.12 35.05 -58.74
CA ASN D 122 -8.02 34.19 -59.15
C ASN D 122 -7.62 33.20 -58.03
N SER D 123 -8.45 33.13 -56.97
CA SER D 123 -8.33 32.04 -55.96
C SER D 123 -8.63 30.73 -56.64
N PHE D 124 -7.91 29.67 -56.27
CA PHE D 124 -8.14 28.37 -56.90
C PHE D 124 -7.86 27.26 -55.92
N ILE D 125 -8.37 26.08 -56.26
CA ILE D 125 -8.11 24.89 -55.48
C ILE D 125 -7.35 23.90 -56.33
N MET D 126 -6.34 23.25 -55.74
CA MET D 126 -5.57 22.23 -56.44
C MET D 126 -5.75 20.91 -55.69
N ILE D 127 -5.90 19.83 -56.43
CA ILE D 127 -6.14 18.50 -55.88
C ILE D 127 -5.00 17.57 -56.27
N LYS D 128 -4.44 16.87 -55.29
CA LYS D 128 -3.51 15.77 -55.54
C LYS D 128 -4.12 14.42 -55.19
N TYR D 129 -3.76 13.39 -55.96
CA TYR D 129 -4.12 12.02 -55.66
C TYR D 129 -2.81 11.28 -55.67
N GLY D 130 -2.41 10.75 -54.53
CA GLY D 130 -1.10 10.18 -54.45
C GLY D 130 -0.09 11.26 -54.74
N GLU D 131 0.84 10.98 -55.64
CA GLU D 131 1.95 11.89 -55.83
C GLU D 131 1.72 12.90 -56.93
N GLU D 132 0.60 12.80 -57.63
CA GLU D 132 0.40 13.65 -58.77
C GLU D 132 -0.68 14.69 -58.49
N ILE D 133 -0.49 15.88 -59.03
CA ILE D 133 -1.55 16.85 -59.05
C ILE D 133 -2.51 16.36 -60.11
N THR D 134 -3.80 16.25 -59.79
CA THR D 134 -4.78 15.64 -60.69
C THR D 134 -5.86 16.59 -61.18
N ASP D 135 -6.07 17.70 -60.50
CA ASP D 135 -7.14 18.60 -60.92
C ASP D 135 -7.04 19.94 -60.23
N THR D 136 -7.74 20.91 -60.79
CA THR D 136 -7.81 22.25 -60.22
C THR D 136 -9.18 22.83 -60.52
N PHE D 137 -9.60 23.81 -59.73
CA PHE D 137 -10.67 24.70 -60.21
C PHE D 137 -10.55 26.05 -59.56
N SER D 138 -11.20 27.04 -60.16
CA SER D 138 -11.07 28.44 -59.76
C SER D 138 -12.35 28.93 -59.12
N ALA D 139 -12.25 30.02 -58.35
CA ALA D 139 -13.41 30.63 -57.74
C ALA D 139 -14.46 30.91 -58.79
N SER D 140 -15.72 30.90 -58.34
CA SER D 140 -16.87 31.09 -59.21
C SER D 140 -17.73 32.24 -58.73
N ARG D 141 -17.56 32.65 -57.47
CA ARG D 141 -18.47 33.61 -56.87
C ARG D 141 -17.68 34.72 -56.20
N GLY D 142 -16.48 34.94 -56.67
CA GLY D 142 -15.70 36.09 -56.24
C GLY D 142 -14.56 35.76 -55.29
N GLY D 143 -14.59 34.58 -54.67
CA GLY D 143 -13.46 34.15 -53.88
C GLY D 143 -13.55 34.73 -52.48
N PRO D 144 -12.65 34.30 -51.59
CA PRO D 144 -11.72 33.20 -51.76
C PRO D 144 -12.43 31.84 -51.74
N LEU D 145 -11.96 30.88 -52.53
CA LEU D 145 -12.34 29.48 -52.28
C LEU D 145 -11.76 29.02 -50.95
N ARG D 146 -12.59 28.36 -50.16
CA ARG D 146 -12.17 27.93 -48.84
C ARG D 146 -12.49 26.45 -48.66
N LEU D 147 -11.49 25.70 -48.20
CA LEU D 147 -11.68 24.32 -47.80
C LEU D 147 -11.87 24.28 -46.29
N PRO D 148 -12.43 23.19 -45.78
CA PRO D 148 -12.91 23.31 -44.40
C PRO D 148 -11.87 23.03 -43.32
N ASN D 149 -10.67 22.60 -43.70
CA ASN D 149 -9.65 22.25 -42.70
C ASN D 149 -10.15 21.16 -41.76
N SER D 150 -10.68 20.10 -42.35
CA SER D 150 -11.08 18.86 -41.64
C SER D 150 -11.06 17.82 -42.72
N GLU D 151 -11.00 16.54 -42.37
CA GLU D 151 -10.82 15.55 -43.43
C GLU D 151 -12.03 15.50 -44.34
N CYS D 152 -11.83 15.20 -45.62
CA CYS D 152 -12.95 14.92 -46.50
C CYS D 152 -13.40 13.46 -46.26
N ILE D 153 -14.51 13.07 -46.84
CA ILE D 153 -15.11 11.79 -46.54
C ILE D 153 -15.12 10.94 -47.81
N CYS D 154 -14.51 9.75 -47.72
CA CYS D 154 -14.46 8.85 -48.88
C CYS D 154 -15.39 7.66 -48.68
N VAL D 155 -16.34 7.47 -49.59
CA VAL D 155 -17.21 6.29 -49.53
C VAL D 155 -17.19 5.54 -50.86
N GLU D 156 -16.87 4.25 -50.82
CA GLU D 156 -16.89 3.43 -52.04
C GLU D 156 -16.09 4.08 -53.17
N GLY D 157 -14.92 4.63 -52.82
CA GLY D 157 -13.99 5.17 -53.79
C GLY D 157 -14.27 6.57 -54.32
N SER D 158 -15.33 7.22 -53.84
CA SER D 158 -15.58 8.61 -54.16
C SER D 158 -15.35 9.41 -52.89
N CYS D 159 -14.68 10.55 -53.01
CA CYS D 159 -14.44 11.43 -51.87
C CYS D 159 -15.29 12.69 -52.02
N PHE D 160 -15.85 13.15 -50.92
CA PHE D 160 -16.80 14.25 -50.94
C PHE D 160 -16.19 15.35 -50.06
N VAL D 161 -16.24 16.59 -50.52
CA VAL D 161 -15.72 17.69 -49.70
C VAL D 161 -16.58 18.94 -49.89
N LEU D 162 -16.75 19.69 -48.81
CA LEU D 162 -17.45 20.98 -48.88
C LEU D 162 -16.51 22.12 -49.18
N VAL D 163 -16.89 22.97 -50.10
CA VAL D 163 -16.01 24.05 -50.59
C VAL D 163 -16.86 25.29 -50.51
N SER D 164 -16.35 26.34 -49.88
CA SER D 164 -17.13 27.56 -49.74
C SER D 164 -16.52 28.67 -50.61
N ASP D 165 -17.33 29.66 -51.00
CA ASP D 165 -16.88 30.73 -51.92
C ASP D 165 -17.64 32.00 -51.48
N GLY D 166 -17.31 33.16 -52.05
CA GLY D 166 -18.02 34.39 -51.74
C GLY D 166 -17.26 35.21 -50.73
N PRO D 167 -17.15 36.54 -50.95
CA PRO D 167 -16.32 37.36 -50.07
C PRO D 167 -16.95 37.73 -48.72
N ASN D 168 -18.26 37.61 -48.60
CA ASN D 168 -18.94 38.02 -47.37
C ASN D 168 -19.75 36.89 -46.74
N VAL D 169 -19.71 36.80 -45.41
CA VAL D 169 -20.33 35.67 -44.74
C VAL D 169 -21.80 35.85 -44.80
N ASN D 170 -22.26 37.08 -45.07
CA ASN D 170 -23.69 37.29 -45.18
C ASN D 170 -24.22 36.97 -46.57
N GLN D 171 -23.37 36.44 -47.44
CA GLN D 171 -23.85 35.88 -48.72
C GLN D 171 -22.83 34.89 -49.24
N SER D 172 -22.61 33.83 -48.48
CA SER D 172 -21.62 32.81 -48.80
C SER D 172 -22.26 31.74 -49.73
N VAL D 173 -21.41 31.01 -50.44
CA VAL D 173 -21.89 29.95 -51.32
C VAL D 173 -21.18 28.68 -50.93
N HIS D 174 -21.89 27.56 -50.88
CA HIS D 174 -21.34 26.30 -50.43
C HIS D 174 -21.73 25.25 -51.42
N ARG D 175 -20.77 24.39 -51.72
CA ARG D 175 -20.92 23.34 -52.70
C ARG D 175 -20.32 22.10 -52.14
N ILE D 176 -20.95 20.96 -52.39
CA ILE D 176 -20.33 19.65 -52.17
C ILE D 176 -19.70 19.23 -53.50
N TYR D 177 -18.42 18.89 -53.47
CA TYR D 177 -17.71 18.40 -54.63
C TYR D 177 -17.48 16.91 -54.46
N GLU D 178 -17.76 16.13 -55.50
CA GLU D 178 -17.47 14.71 -55.49
C GLU D 178 -16.23 14.42 -56.35
N LEU D 179 -15.29 13.69 -55.78
CA LEU D 179 -14.02 13.39 -56.40
C LEU D 179 -13.83 11.90 -56.55
N GLN D 180 -13.17 11.48 -57.62
CA GLN D 180 -12.68 10.10 -57.76
C GLN D 180 -11.30 10.17 -58.34
N ASN D 181 -10.36 9.50 -57.69
CA ASN D 181 -8.97 9.54 -58.14
C ASN D 181 -8.44 10.97 -58.23
N GLY D 182 -8.86 11.86 -57.35
CA GLY D 182 -8.35 13.23 -57.37
C GLY D 182 -8.98 14.08 -58.47
N THR D 183 -9.99 13.55 -59.12
CA THR D 183 -10.63 14.28 -60.21
C THR D 183 -12.08 14.65 -59.90
N VAL D 184 -12.45 15.90 -60.16
CA VAL D 184 -13.83 16.32 -59.90
C VAL D 184 -14.79 15.60 -60.82
N GLN D 185 -15.76 14.88 -60.25
CA GLN D 185 -16.79 14.20 -61.06
C GLN D 185 -18.04 15.07 -61.21
N ARG D 186 -18.44 15.73 -60.13
CA ARG D 186 -19.55 16.66 -60.14
C ARG D 186 -19.55 17.45 -58.85
N TRP D 187 -20.36 18.49 -58.81
CA TRP D 187 -20.61 19.23 -57.59
C TRP D 187 -22.07 19.61 -57.52
N LYS D 188 -22.52 19.92 -56.32
CA LYS D 188 -23.84 20.49 -56.12
C LYS D 188 -23.78 21.71 -55.21
N GLN D 189 -24.43 22.79 -55.63
CA GLN D 189 -24.46 23.99 -54.83
C GLN D 189 -25.68 23.90 -53.94
N LEU D 190 -25.47 24.06 -52.64
CA LEU D 190 -26.54 23.91 -51.65
C LEU D 190 -27.36 25.20 -51.52
N ASN D 191 -28.64 25.03 -51.18
CA ASN D 191 -29.47 26.17 -50.82
C ASN D 191 -29.22 26.54 -49.37
N THR D 192 -28.48 27.61 -49.15
CA THR D 192 -28.07 27.98 -47.80
C THR D 192 -28.62 29.37 -47.49
N THR D 193 -29.77 29.66 -48.09
CA THR D 193 -30.41 30.96 -47.95
C THR D 193 -30.62 31.29 -46.47
N GLY D 194 -30.18 32.46 -46.03
CA GLY D 194 -30.38 32.86 -44.65
C GLY D 194 -29.31 32.37 -43.68
N ILE D 195 -28.42 31.48 -44.11
CA ILE D 195 -27.35 31.02 -43.21
C ILE D 195 -25.96 31.14 -43.83
N ASN D 196 -24.97 30.75 -43.02
CA ASN D 196 -23.59 30.64 -43.42
C ASN D 196 -23.11 29.29 -42.91
N PHE D 197 -22.33 28.57 -43.72
CA PHE D 197 -21.92 27.19 -43.42
C PHE D 197 -20.41 26.96 -43.66
N GLU D 198 -19.57 27.48 -42.76
CA GLU D 198 -18.12 27.34 -42.88
C GLU D 198 -17.55 26.22 -42.05
N TYR D 199 -16.33 25.80 -42.37
CA TYR D 199 -15.56 24.91 -41.48
C TYR D 199 -16.29 23.58 -41.29
N SER D 200 -16.94 23.11 -42.34
CA SER D 200 -17.62 21.83 -42.30
C SER D 200 -16.72 20.77 -41.74
N THR D 201 -17.23 20.01 -40.78
CA THR D 201 -16.50 18.85 -40.30
C THR D 201 -17.47 17.68 -40.32
N CYS D 202 -17.02 16.59 -40.92
CA CYS D 202 -17.89 15.53 -41.42
C CYS D 202 -17.43 14.16 -40.95
N TYR D 203 -18.41 13.25 -40.83
CA TYR D 203 -18.15 11.82 -40.66
C TYR D 203 -19.19 11.06 -41.46
N THR D 204 -19.01 9.75 -41.55
CA THR D 204 -19.93 8.89 -42.27
C THR D 204 -20.20 7.60 -41.50
N ILE D 205 -21.47 7.23 -41.48
CA ILE D 205 -21.92 5.98 -40.90
C ILE D 205 -22.94 5.40 -41.86
N ASN D 206 -22.77 4.12 -42.20
CA ASN D 206 -23.67 3.44 -43.14
C ASN D 206 -23.85 4.22 -44.44
N ASN D 207 -22.74 4.65 -45.02
CA ASN D 207 -22.76 5.37 -46.30
C ASN D 207 -23.59 6.67 -46.29
N LEU D 208 -24.08 7.09 -45.11
CA LEU D 208 -24.64 8.45 -44.91
C LEU D 208 -23.51 9.40 -44.52
N ILE D 209 -23.56 10.65 -45.00
CA ILE D 209 -22.57 11.63 -44.59
C ILE D 209 -23.21 12.78 -43.79
N LYS D 210 -22.62 13.04 -42.63
CA LYS D 210 -23.09 14.07 -41.72
C LYS D 210 -21.98 15.07 -41.47
N CYS D 211 -22.29 16.35 -41.58
CA CYS D 211 -21.30 17.38 -41.39
C CYS D 211 -21.90 18.44 -40.49
N THR D 212 -21.05 19.00 -39.63
CA THR D 212 -21.39 20.13 -38.79
C THR D 212 -20.69 21.35 -39.32
N GLY D 213 -21.42 22.46 -39.41
CA GLY D 213 -20.87 23.70 -39.90
C GLY D 213 -20.73 24.74 -38.80
N THR D 214 -20.16 25.87 -39.16
CA THR D 214 -20.08 27.00 -38.27
C THR D 214 -20.69 28.18 -39.03
N ASN D 215 -21.68 28.80 -38.44
CA ASN D 215 -22.28 29.98 -39.04
C ASN D 215 -21.62 31.22 -38.47
N LEU D 216 -20.80 31.86 -39.30
CA LEU D 216 -20.05 33.03 -38.89
C LEU D 216 -20.83 34.33 -39.02
N TRP D 217 -22.08 34.21 -39.46
CA TRP D 217 -22.89 35.37 -39.79
C TRP D 217 -23.94 35.67 -38.71
N ASN D 218 -24.88 34.75 -38.50
CA ASN D 218 -26.07 35.08 -37.73
C ASN D 218 -26.63 33.91 -36.90
N ASP D 219 -25.76 33.09 -36.34
CA ASP D 219 -26.23 31.97 -35.53
C ASP D 219 -25.12 31.51 -34.61
N ALA D 220 -25.51 31.17 -33.38
CA ALA D 220 -24.63 30.61 -32.37
C ALA D 220 -24.95 29.13 -32.18
N LYS D 221 -26.00 28.66 -32.83
CA LYS D 221 -26.18 27.22 -33.01
C LYS D 221 -25.41 26.85 -34.25
N ARG D 222 -25.08 25.57 -34.40
CA ARG D 222 -24.34 25.09 -35.56
C ARG D 222 -25.28 24.44 -36.57
N PRO D 223 -25.31 24.95 -37.81
CA PRO D 223 -26.12 24.26 -38.83
C PRO D 223 -25.58 22.86 -39.11
N LEU D 224 -26.48 21.94 -39.40
CA LEU D 224 -26.11 20.58 -39.69
C LEU D 224 -26.51 20.21 -41.10
N LEU D 225 -25.65 19.42 -41.72
CA LEU D 225 -25.85 18.95 -43.08
C LEU D 225 -25.90 17.42 -43.08
N ARG D 226 -26.85 16.87 -43.82
CA ARG D 226 -26.90 15.42 -44.04
C ARG D 226 -27.05 15.14 -45.53
N PHE D 227 -26.22 14.25 -46.06
CA PHE D 227 -26.33 13.94 -47.48
C PHE D 227 -25.89 12.52 -47.80
N THR D 228 -26.31 12.07 -48.98
CA THR D 228 -26.02 10.74 -49.48
C THR D 228 -25.03 10.82 -50.64
N LYS D 229 -24.44 9.69 -51.01
CA LYS D 229 -23.49 9.68 -52.12
C LYS D 229 -24.08 10.23 -53.43
N ASP D 230 -25.40 10.33 -53.53
CA ASP D 230 -26.01 10.94 -54.72
C ASP D 230 -26.18 12.45 -54.60
N LEU D 231 -25.66 13.04 -53.52
CA LEU D 231 -25.73 14.49 -53.29
C LEU D 231 -27.18 14.99 -53.04
N ASN D 232 -28.09 14.09 -52.67
CA ASN D 232 -29.33 14.55 -52.06
C ASN D 232 -28.98 14.90 -50.62
N TYR D 233 -29.53 16.01 -50.13
CA TYR D 233 -29.10 16.56 -48.85
C TYR D 233 -30.23 17.26 -48.10
N GLN D 234 -29.99 17.49 -46.82
CA GLN D 234 -30.85 18.35 -46.04
C GLN D 234 -29.98 19.13 -45.06
N ILE D 235 -30.34 20.37 -44.82
CA ILE D 235 -29.65 21.17 -43.82
C ILE D 235 -30.65 21.36 -42.72
N VAL D 236 -30.25 21.10 -41.47
CA VAL D 236 -31.13 21.33 -40.32
C VAL D 236 -30.49 22.11 -39.18
N GLU D 237 -31.34 22.58 -38.29
CA GLU D 237 -30.94 23.42 -37.18
C GLU D 237 -31.13 22.61 -35.90
N PRO D 238 -30.17 22.67 -34.96
CA PRO D 238 -30.50 21.98 -33.70
C PRO D 238 -31.75 22.55 -33.05
N CYS D 239 -32.52 21.68 -32.37
CA CYS D 239 -33.81 22.12 -31.84
C CYS D 239 -33.82 22.26 -30.32
N ASN D 240 -32.63 22.19 -29.73
CA ASN D 240 -32.50 22.41 -28.31
C ASN D 240 -32.40 23.91 -28.02
N GLY D 241 -32.03 24.24 -26.80
CA GLY D 241 -31.98 25.63 -26.39
C GLY D 241 -30.57 26.02 -25.96
N ALA D 242 -29.59 25.18 -26.31
CA ALA D 242 -28.21 25.36 -25.84
C ALA D 242 -27.21 25.48 -27.01
N PRO D 243 -26.99 26.69 -27.50
CA PRO D 243 -26.10 26.82 -28.67
C PRO D 243 -24.69 26.35 -28.35
N THR D 244 -23.91 25.97 -29.36
CA THR D 244 -22.59 25.43 -29.10
C THR D 244 -21.42 26.13 -29.80
N ASP D 245 -21.68 27.18 -30.57
CA ASP D 245 -20.65 27.98 -31.21
C ASP D 245 -19.96 28.81 -30.14
N PHE D 246 -18.82 29.37 -30.47
CA PHE D 246 -18.24 30.39 -29.64
C PHE D 246 -17.75 31.48 -30.56
N PRO D 247 -18.25 32.72 -30.37
CA PRO D 247 -19.09 33.18 -29.24
C PRO D 247 -20.53 32.70 -29.23
N ARG D 248 -21.22 32.93 -28.12
CA ARG D 248 -22.64 32.63 -28.04
C ARG D 248 -23.28 33.29 -26.85
N GLY D 249 -24.59 33.20 -26.80
CA GLY D 249 -25.35 33.66 -25.65
C GLY D 249 -25.66 32.52 -24.72
N GLY D 250 -26.62 32.75 -23.82
CA GLY D 250 -26.95 31.78 -22.80
C GLY D 250 -28.06 30.86 -23.25
N LEU D 251 -28.58 30.07 -22.32
CA LEU D 251 -29.62 29.13 -22.67
C LEU D 251 -30.92 29.82 -23.11
N THR D 252 -31.65 29.18 -24.00
CA THR D 252 -32.93 29.69 -24.43
C THR D 252 -33.94 28.58 -24.33
N THR D 253 -35.21 28.92 -24.53
CA THR D 253 -36.26 27.93 -24.66
C THR D 253 -35.98 27.01 -25.86
N PRO D 254 -36.06 25.68 -25.66
CA PRO D 254 -35.79 24.83 -26.80
C PRO D 254 -36.70 25.14 -28.00
N SER D 255 -36.13 25.18 -29.19
CA SER D 255 -36.92 25.37 -30.41
C SER D 255 -36.04 25.17 -31.62
N CYS D 256 -36.62 25.20 -32.81
CA CYS D 256 -35.82 24.93 -33.97
C CYS D 256 -35.34 26.22 -34.64
N LYS D 257 -35.54 27.34 -33.96
CA LYS D 257 -35.07 28.61 -34.45
C LYS D 257 -33.58 28.81 -34.24
N MET D 258 -32.98 29.58 -35.14
CA MET D 258 -31.60 30.04 -34.97
C MET D 258 -31.43 30.85 -33.69
N ALA D 259 -30.24 30.77 -33.11
CA ALA D 259 -29.91 31.56 -31.94
C ALA D 259 -29.10 32.75 -32.42
N GLN D 260 -29.76 33.89 -32.47
CA GLN D 260 -29.21 35.05 -33.15
C GLN D 260 -28.26 35.83 -32.24
N GLU D 261 -28.50 35.73 -30.94
CA GLU D 261 -27.68 36.44 -29.97
C GLU D 261 -26.23 36.01 -30.11
N LYS D 262 -25.38 36.98 -30.38
CA LYS D 262 -23.95 36.77 -30.54
C LYS D 262 -23.71 35.72 -31.63
N GLY D 263 -24.55 35.74 -32.67
CA GLY D 263 -24.44 34.81 -33.78
C GLY D 263 -23.25 35.05 -34.70
N GLU D 264 -22.82 36.30 -34.77
CA GLU D 264 -21.70 36.68 -35.63
C GLU D 264 -20.38 36.14 -35.05
N GLY D 265 -19.48 35.74 -35.93
CA GLY D 265 -18.25 35.08 -35.51
C GLY D 265 -18.51 33.61 -35.24
N GLY D 266 -17.49 32.90 -34.79
CA GLY D 266 -17.67 31.47 -34.51
C GLY D 266 -16.36 30.78 -34.65
N ILE D 267 -16.38 29.50 -34.33
CA ILE D 267 -15.19 28.69 -34.37
C ILE D 267 -15.61 27.29 -34.78
N GLN D 268 -14.77 26.63 -35.54
CA GLN D 268 -15.05 25.29 -35.99
C GLN D 268 -15.28 24.28 -34.84
N GLY D 269 -16.29 23.43 -35.02
CA GLY D 269 -16.63 22.44 -34.00
C GLY D 269 -17.67 21.49 -34.55
N PHE D 270 -18.17 20.58 -33.71
CA PHE D 270 -18.87 19.40 -34.22
C PHE D 270 -20.06 19.02 -33.35
N ILE D 271 -20.99 18.34 -33.99
CA ILE D 271 -22.11 17.67 -33.32
C ILE D 271 -22.28 16.29 -33.94
N LEU D 272 -22.29 15.27 -33.09
CA LEU D 272 -22.53 13.93 -33.53
C LEU D 272 -24.04 13.82 -33.72
N ASP D 273 -24.44 13.78 -34.98
CA ASP D 273 -25.83 13.88 -35.39
C ASP D 273 -26.46 12.48 -35.54
N GLU D 274 -26.63 11.80 -34.40
CA GLU D 274 -27.18 10.44 -34.36
C GLU D 274 -28.26 10.38 -33.28
N LYS D 275 -28.67 9.16 -32.92
CA LYS D 275 -29.48 8.94 -31.71
C LYS D 275 -28.81 7.82 -30.95
N PRO D 276 -28.17 8.14 -29.82
CA PRO D 276 -28.02 9.46 -29.20
C PRO D 276 -27.12 10.42 -29.94
N ALA D 277 -27.43 11.71 -29.80
CA ALA D 277 -26.62 12.79 -30.33
C ALA D 277 -25.67 13.25 -29.23
N TRP D 278 -24.55 13.82 -29.64
CA TRP D 278 -23.59 14.42 -28.71
C TRP D 278 -23.24 15.82 -29.20
N THR D 279 -23.37 16.82 -28.33
CA THR D 279 -22.96 18.18 -28.62
C THR D 279 -21.66 18.43 -27.87
N SER D 280 -20.97 19.51 -28.24
CA SER D 280 -19.66 19.82 -27.65
C SER D 280 -19.47 21.30 -27.73
N LYS D 281 -18.87 21.87 -26.70
CA LYS D 281 -18.71 23.32 -26.61
C LYS D 281 -17.80 23.68 -25.48
N THR D 282 -17.39 24.95 -25.45
CA THR D 282 -16.66 25.49 -24.31
C THR D 282 -17.52 25.36 -23.06
N LYS D 283 -16.92 25.34 -21.89
CA LYS D 283 -17.70 25.18 -20.66
C LYS D 283 -18.76 26.26 -20.49
N THR D 284 -18.41 27.53 -20.73
CA THR D 284 -19.43 28.57 -20.75
C THR D 284 -19.18 29.55 -21.87
N GLU D 285 -20.10 30.49 -22.01
CA GLU D 285 -19.96 31.49 -23.05
C GLU D 285 -19.03 32.62 -22.64
N LEU D 286 -18.50 32.61 -21.43
CA LEU D 286 -17.72 33.75 -20.92
C LEU D 286 -16.26 33.63 -21.32
N SER D 287 -15.84 32.43 -21.69
CA SER D 287 -14.45 32.25 -22.13
C SER D 287 -14.33 30.95 -22.88
N GLN D 288 -13.17 30.76 -23.51
CA GLN D 288 -12.87 29.49 -24.18
C GLN D 288 -12.22 28.43 -23.31
N ASN D 289 -12.34 28.54 -21.98
CA ASN D 289 -11.81 27.47 -21.11
C ASN D 289 -12.67 26.22 -21.13
N GLY D 290 -12.03 25.06 -21.12
CA GLY D 290 -12.77 23.82 -20.98
C GLY D 290 -13.51 23.40 -22.23
N PHE D 291 -13.98 22.18 -22.16
CA PHE D 291 -14.74 21.55 -23.21
C PHE D 291 -15.75 20.61 -22.55
N VAL D 292 -17.01 20.75 -22.92
CA VAL D 292 -18.10 19.97 -22.40
C VAL D 292 -18.75 19.17 -23.52
N LEU D 293 -18.99 17.88 -23.27
CA LEU D 293 -19.72 17.02 -24.18
C LEU D 293 -21.04 16.64 -23.52
N GLU D 294 -22.13 16.67 -24.28
CA GLU D 294 -23.45 16.34 -23.75
C GLU D 294 -24.17 15.35 -24.66
N GLN D 295 -24.66 14.27 -24.05
CA GLN D 295 -25.40 13.27 -24.77
C GLN D 295 -26.91 13.56 -24.72
N ILE D 296 -27.55 13.48 -25.90
CA ILE D 296 -28.98 13.79 -26.05
C ILE D 296 -29.67 12.56 -26.68
N PRO D 297 -30.28 11.71 -25.85
CA PRO D 297 -30.84 10.47 -26.36
C PRO D 297 -31.76 10.63 -27.56
N ASP D 298 -32.62 11.64 -27.59
CA ASP D 298 -33.62 11.70 -28.64
C ASP D 298 -33.13 12.43 -29.90
N GLY D 299 -31.83 12.73 -29.98
CA GLY D 299 -31.30 13.34 -31.18
C GLY D 299 -31.34 14.86 -31.19
N ILE D 300 -30.65 15.44 -32.16
CA ILE D 300 -30.37 16.86 -32.13
C ILE D 300 -31.59 17.63 -32.56
N GLU D 301 -32.56 16.96 -33.19
CA GLU D 301 -33.82 17.63 -33.54
C GLU D 301 -34.92 17.46 -32.48
N SER D 302 -34.57 16.91 -31.33
CA SER D 302 -35.50 16.86 -30.18
C SER D 302 -35.36 18.13 -29.33
N GLU D 303 -36.04 18.17 -28.18
CA GLU D 303 -35.96 19.35 -27.32
C GLU D 303 -34.59 19.49 -26.63
N GLY D 304 -33.84 18.40 -26.61
CA GLY D 304 -32.44 18.44 -26.23
C GLY D 304 -32.15 18.00 -24.81
N THR D 305 -33.02 17.19 -24.24
CA THR D 305 -32.78 16.68 -22.89
C THR D 305 -31.48 15.92 -22.78
N VAL D 306 -30.64 16.31 -21.83
CA VAL D 306 -29.32 15.69 -21.65
C VAL D 306 -29.33 14.58 -20.61
N SER D 307 -28.76 13.45 -20.97
CA SER D 307 -28.72 12.29 -20.09
C SER D 307 -27.34 12.15 -19.45
N LEU D 308 -26.32 12.77 -20.01
CA LEU D 308 -24.98 12.51 -19.54
C LEU D 308 -24.10 13.64 -20.08
N SER D 309 -23.22 14.18 -19.23
CA SER D 309 -22.30 15.24 -19.64
C SER D 309 -20.89 14.99 -19.14
N TYR D 310 -19.89 15.34 -19.94
CA TYR D 310 -18.49 15.35 -19.52
C TYR D 310 -18.01 16.77 -19.45
N GLU D 311 -17.12 17.04 -18.51
CA GLU D 311 -16.36 18.30 -18.55
C GLU D 311 -14.86 17.97 -18.57
N LEU D 312 -14.15 18.59 -19.50
CA LEU D 312 -12.74 18.33 -19.76
C LEU D 312 -11.93 19.62 -19.77
N PHE D 313 -10.62 19.50 -19.56
CA PHE D 313 -9.68 20.62 -19.78
C PHE D 313 -10.18 21.84 -19.09
N SER D 314 -10.64 21.70 -17.86
CA SER D 314 -11.41 22.76 -17.25
C SER D 314 -10.59 24.02 -17.10
N ASN D 315 -9.27 23.91 -16.98
CA ASN D 315 -8.48 25.15 -16.88
C ASN D 315 -7.64 25.56 -18.12
N LYS D 316 -7.81 24.84 -19.23
CA LYS D 316 -7.11 25.14 -20.47
C LYS D 316 -8.02 25.78 -21.50
N ARG D 317 -7.45 26.67 -22.31
CA ARG D 317 -8.18 27.30 -23.38
C ARG D 317 -8.26 26.33 -24.50
N THR D 318 -9.45 26.15 -25.04
CA THR D 318 -9.64 25.17 -26.10
C THR D 318 -10.09 25.93 -27.33
N GLY D 319 -9.97 25.30 -28.49
CA GLY D 319 -10.19 25.99 -29.75
C GLY D 319 -11.03 25.18 -30.72
N ARG D 320 -10.51 25.05 -31.94
CA ARG D 320 -11.21 24.34 -33.00
C ARG D 320 -11.35 22.87 -32.66
N SER D 321 -12.43 22.25 -33.11
CA SER D 321 -12.56 20.81 -33.02
C SER D 321 -13.26 20.28 -34.25
N GLY D 322 -13.07 18.99 -34.53
CA GLY D 322 -13.69 18.37 -35.66
C GLY D 322 -13.58 16.85 -35.58
N PHE D 323 -14.31 16.17 -36.46
CA PHE D 323 -14.29 14.72 -36.59
C PHE D 323 -13.10 14.15 -37.39
N PHE D 324 -12.65 12.97 -37.01
CA PHE D 324 -11.94 12.08 -37.93
C PHE D 324 -12.34 10.64 -37.64
N GLN D 325 -12.07 9.76 -38.60
CA GLN D 325 -12.44 8.37 -38.53
C GLN D 325 -11.24 7.50 -38.86
N PRO D 326 -10.68 6.81 -37.85
CA PRO D 326 -9.64 5.81 -38.11
C PRO D 326 -10.20 4.73 -39.00
N LYS D 327 -9.35 4.01 -39.73
CA LYS D 327 -9.79 2.79 -40.41
C LYS D 327 -9.24 1.59 -39.65
N GLY D 328 -9.71 1.39 -38.42
CA GLY D 328 -9.24 0.29 -37.60
C GLY D 328 -10.29 -0.80 -37.42
N GLU D 333 -17.51 -4.08 -35.69
CA GLU D 333 -18.89 -4.14 -36.13
C GLU D 333 -19.52 -2.74 -36.27
N CYS D 334 -19.23 -1.84 -35.33
CA CYS D 334 -19.68 -0.46 -35.44
C CYS D 334 -18.58 0.40 -36.07
N GLN D 335 -18.96 1.32 -36.93
CA GLN D 335 -17.98 2.26 -37.47
C GLN D 335 -17.50 3.19 -36.36
N ARG D 336 -16.20 3.39 -36.28
CA ARG D 336 -15.65 4.29 -35.29
C ARG D 336 -15.81 5.78 -35.66
N VAL D 337 -15.95 6.63 -34.64
CA VAL D 337 -15.90 8.07 -34.81
C VAL D 337 -15.04 8.68 -33.73
N CYS D 338 -14.12 9.56 -34.12
CA CYS D 338 -13.25 10.28 -33.19
C CYS D 338 -13.34 11.78 -33.43
N PHE D 339 -12.74 12.55 -32.53
CA PHE D 339 -12.65 13.99 -32.72
C PHE D 339 -11.30 14.48 -32.29
N TRP D 340 -10.86 15.56 -32.93
CA TRP D 340 -9.67 16.26 -32.52
C TRP D 340 -10.07 17.60 -31.94
N LEU D 341 -9.20 18.15 -31.12
CA LEU D 341 -9.51 19.37 -30.40
C LEU D 341 -8.22 20.11 -30.16
N GLU D 342 -8.19 21.39 -30.52
CA GLU D 342 -7.10 22.28 -30.21
C GLU D 342 -7.10 22.67 -28.75
N ILE D 343 -5.96 22.51 -28.10
CA ILE D 343 -5.70 22.98 -26.74
C ILE D 343 -4.48 23.91 -26.77
N GLU D 344 -4.53 25.04 -26.09
CA GLU D 344 -3.36 25.94 -26.03
C GLU D 344 -2.35 25.50 -24.98
N ILE D 353 0.36 28.80 -28.90
CA ILE D 353 0.26 27.72 -29.88
C ILE D 353 -0.70 26.59 -29.48
N GLN D 354 -1.24 25.94 -30.50
CA GLN D 354 -2.28 24.93 -30.34
C GLN D 354 -1.70 23.54 -30.59
N GLU D 355 -1.95 22.60 -29.68
CA GLU D 355 -1.70 21.18 -29.96
C GLU D 355 -3.03 20.45 -30.05
N LEU D 356 -3.10 19.46 -30.95
CA LEU D 356 -4.30 18.64 -31.09
C LEU D 356 -4.28 17.50 -30.13
N SER D 357 -5.37 17.32 -29.41
CA SER D 357 -5.55 16.07 -28.70
C SER D 357 -6.73 15.38 -29.38
N THR D 358 -6.81 14.05 -29.19
CA THR D 358 -7.83 13.27 -29.86
C THR D 358 -8.60 12.41 -28.88
N PHE D 359 -9.86 12.17 -29.21
CA PHE D 359 -10.73 11.33 -28.42
C PHE D 359 -11.50 10.41 -29.37
N CYS D 360 -11.81 9.19 -28.92
CA CYS D 360 -12.62 8.33 -29.77
C CYS D 360 -13.89 7.89 -29.05
N GLY D 361 -14.94 7.65 -29.83
CA GLY D 361 -16.23 7.30 -29.29
C GLY D 361 -16.19 5.80 -28.95
N ILE D 362 -16.92 5.42 -27.92
CA ILE D 362 -17.12 4.02 -27.54
C ILE D 362 -18.49 3.56 -28.03
N ASN D 363 -18.52 2.55 -28.90
CA ASN D 363 -19.80 1.94 -29.34
C ASN D 363 -20.32 0.72 -28.52
N SER D 364 -21.27 0.01 -29.11
CA SER D 364 -21.98 -1.12 -28.48
C SER D 364 -21.05 -2.20 -27.91
#